data_1LFG
#
_entry.id   1LFG
#
_cell.length_a   156.260
_cell.length_b   97.400
_cell.length_c   55.850
_cell.angle_alpha   90.00
_cell.angle_beta   90.00
_cell.angle_gamma   90.00
#
_symmetry.space_group_name_H-M   'P 21 21 21'
#
loop_
_entity.id
_entity.type
_entity.pdbx_description
1 polymer LACTOFERRIN
2 branched alpha-L-fucopyranose-(1-6)-2-acetamido-2-deoxy-beta-D-glucopyranose
3 branched 2-acetamido-2-deoxy-beta-D-glucopyranose-(1-4)-[alpha-L-fucopyranose-(1-6)]2-acetamido-2-deoxy-beta-D-glucopyranose
4 non-polymer 'FE (III) ION'
5 non-polymer 'CARBONATE ION'
6 water water
#
_entity_poly.entity_id   1
_entity_poly.type   'polypeptide(L)'
_entity_poly.pdbx_seq_one_letter_code
;GRRRSVQWCAVSNPEATKCFQWQRNMRKVRGPPVSCIKRDSPIQCIQAIAENRADAVTLDGGFIYEAGLAPYKLRPVAAE
VYGTERQPRTHYYAVAVVKKGGSFQLNELQGLKSCHTGLRRTAGWNVPIGTLRPFLNWTGPPEPIEAAVARFFSASCVPG
ADKGQFPNLCRLCAGTGENKCAFSSQEPYFSYSGAFKCLKDGAGDVAFIRESTVFEDLSDEAERDEYELLCPDNTRKPVD
KFKDCHLARVPSHAVVARSVNGKEDAIWNLLRQAQEKFGKDKSPKFQLFGSPSGQKDLLFKDSAIGFSRVPPRIDSGLYL
GSGYFTAIQNLRKSEEEVAARRARVVWCAVGEQELRKCNQWSGLSEGSVTCSSASTTEDCIALVLKGEADAMSLDGGYVY
TAGKCGLVPVLAENYKSAQSSDPDPNCVDRPVEGYLAVAVVRRSDTSLTWNSVKGKKSCHTAVDRTAGWNIPMGLLFNQT
GSCKFDEYFSQSCAPGSDPASNLCALCIGDEEGENKCVPNSNERYYGYTGAFRCLAENAGDVAFVKDVTVLQNTDGNNNE
AWAKDLKLADFALLCLDGKRKPVTEARSCHLAMAPNHAVVSRMDKVERLKQVLLHQQAKFGRNGSDCPDKFCLFQSETKN
LLFNDNTECLARLHGKTTYEKYLGPQYVAGITNLKKCSTSPLLEACEFLRK
;
_entity_poly.pdbx_strand_id   A
#
loop_
_chem_comp.id
_chem_comp.type
_chem_comp.name
_chem_comp.formula
CO3 non-polymer 'CARBONATE ION' 'C O3 -2'
FE non-polymer 'FE (III) ION' 'Fe 3'
FUC L-saccharide, alpha linking alpha-L-fucopyranose 'C6 H12 O5'
NAG D-saccharide, beta linking 2-acetamido-2-deoxy-beta-D-glucopyranose 'C8 H15 N O6'
#
# COMPACT_ATOMS: atom_id res chain seq x y z
N GLY A 1 14.38 -33.52 -6.70
CA GLY A 1 15.02 -34.71 -6.10
C GLY A 1 16.32 -34.28 -5.40
N ARG A 2 16.35 -32.95 -5.21
CA ARG A 2 17.45 -32.15 -4.61
C ARG A 2 16.97 -30.86 -3.88
N ARG A 3 15.63 -30.50 -4.03
CA ARG A 3 15.01 -29.48 -3.15
C ARG A 3 14.50 -30.21 -1.92
N ARG A 4 15.47 -30.84 -1.34
CA ARG A 4 15.29 -31.65 -0.17
C ARG A 4 14.19 -31.10 0.77
N SER A 5 14.18 -29.85 1.25
CA SER A 5 13.08 -29.40 2.17
C SER A 5 12.80 -27.87 2.30
N VAL A 6 11.59 -27.65 2.82
CA VAL A 6 11.05 -26.36 3.28
C VAL A 6 11.14 -26.48 4.78
N GLN A 7 12.20 -26.12 5.24
CA GLN A 7 12.54 -26.13 6.65
C GLN A 7 11.63 -25.20 7.44
N TRP A 8 10.73 -25.74 8.23
CA TRP A 8 9.81 -24.97 9.06
C TRP A 8 10.56 -24.62 10.34
N CYS A 9 10.41 -23.52 11.00
CA CYS A 9 11.06 -23.13 12.25
C CYS A 9 10.07 -23.28 13.40
N ALA A 10 10.40 -24.11 14.39
CA ALA A 10 9.44 -24.38 15.49
C ALA A 10 9.75 -23.50 16.70
N VAL A 11 8.80 -23.17 17.57
CA VAL A 11 9.20 -22.32 18.71
C VAL A 11 9.09 -22.95 20.09
N SER A 12 8.87 -24.24 20.13
CA SER A 12 8.66 -24.99 21.37
C SER A 12 8.78 -26.47 20.98
N ASN A 13 8.58 -27.27 22.00
CA ASN A 13 8.74 -28.75 21.87
C ASN A 13 7.50 -29.35 21.26
N PRO A 14 6.40 -29.02 21.93
CA PRO A 14 5.10 -29.46 21.36
C PRO A 14 5.14 -29.04 19.89
N GLU A 15 5.42 -27.79 19.53
CA GLU A 15 5.50 -27.37 18.13
C GLU A 15 6.30 -28.36 17.29
N ALA A 16 7.51 -28.63 17.73
CA ALA A 16 8.40 -29.55 16.99
C ALA A 16 7.80 -30.95 16.90
N THR A 17 7.13 -31.30 17.97
CA THR A 17 6.46 -32.60 18.07
C THR A 17 5.32 -32.53 17.11
N LYS A 18 4.75 -31.34 16.88
CA LYS A 18 3.64 -31.19 15.93
C LYS A 18 4.28 -31.21 14.53
N CYS A 19 5.31 -30.44 14.32
CA CYS A 19 5.99 -30.42 13.02
C CYS A 19 6.60 -31.71 12.49
N PHE A 20 6.81 -32.74 13.25
CA PHE A 20 7.41 -34.05 12.90
C PHE A 20 6.36 -35.06 12.42
N GLN A 21 5.23 -35.03 13.16
CA GLN A 21 4.08 -35.87 12.74
C GLN A 21 3.83 -35.28 11.33
N TRP A 22 3.63 -33.96 11.31
CA TRP A 22 3.46 -33.23 10.06
C TRP A 22 4.35 -33.97 9.07
N GLN A 23 5.66 -33.87 9.22
CA GLN A 23 6.60 -34.52 8.29
C GLN A 23 6.31 -36.01 8.05
N ARG A 24 5.96 -36.71 9.13
CA ARG A 24 5.68 -38.15 8.95
C ARG A 24 4.51 -38.38 8.00
N ASN A 25 3.41 -37.68 8.09
CA ASN A 25 2.26 -37.83 7.19
C ASN A 25 2.50 -37.20 5.80
N MET A 26 3.38 -36.23 5.67
CA MET A 26 3.67 -35.60 4.37
C MET A 26 4.28 -36.58 3.37
N ARG A 27 5.34 -37.28 3.77
CA ARG A 27 5.99 -38.26 2.89
C ARG A 27 5.18 -39.55 2.77
N LYS A 28 4.39 -39.85 3.79
CA LYS A 28 3.50 -41.01 3.82
C LYS A 28 2.49 -41.00 2.66
N VAL A 29 2.09 -39.79 2.30
CA VAL A 29 1.10 -39.55 1.24
C VAL A 29 1.79 -39.06 -0.04
N ARG A 30 3.10 -39.05 0.04
CA ARG A 30 3.96 -38.62 -1.07
C ARG A 30 3.88 -37.11 -1.38
N GLY A 31 3.46 -36.32 -0.41
CA GLY A 31 3.34 -34.85 -0.57
C GLY A 31 4.76 -34.26 -0.55
N PRO A 32 4.84 -32.95 -0.77
CA PRO A 32 6.15 -32.26 -0.80
C PRO A 32 6.73 -32.40 0.60
N PRO A 33 8.05 -32.48 0.70
CA PRO A 33 8.73 -32.67 2.00
C PRO A 33 8.87 -31.42 2.86
N VAL A 34 9.02 -31.60 4.15
CA VAL A 34 9.17 -30.57 5.16
C VAL A 34 9.87 -31.23 6.38
N SER A 35 10.97 -30.62 6.72
CA SER A 35 11.78 -31.00 7.89
C SER A 35 11.66 -29.83 8.89
N CYS A 36 11.71 -30.12 10.16
CA CYS A 36 11.65 -29.22 11.30
C CYS A 36 12.96 -28.81 11.97
N ILE A 37 12.88 -27.59 12.46
CA ILE A 37 13.90 -26.87 13.16
C ILE A 37 13.32 -26.35 14.47
N LYS A 38 14.28 -26.30 15.41
CA LYS A 38 13.90 -25.87 16.76
C LYS A 38 14.60 -24.62 17.23
N ARG A 39 13.70 -23.95 17.97
CA ARG A 39 14.19 -22.69 18.57
C ARG A 39 13.21 -22.40 19.71
N ASP A 40 13.58 -21.30 20.36
CA ASP A 40 12.81 -20.95 21.57
C ASP A 40 11.94 -19.75 21.40
N SER A 41 12.07 -19.10 20.24
CA SER A 41 11.19 -17.93 20.09
C SER A 41 11.04 -17.50 18.64
N PRO A 42 9.95 -16.73 18.51
CA PRO A 42 9.60 -16.12 17.22
C PRO A 42 10.83 -15.39 16.68
N ILE A 43 11.50 -14.63 17.54
CA ILE A 43 12.72 -13.89 17.21
C ILE A 43 13.89 -14.76 16.72
N GLN A 44 13.96 -15.92 17.34
CA GLN A 44 15.01 -16.93 17.06
C GLN A 44 14.69 -17.52 15.69
N CYS A 45 13.41 -17.81 15.53
CA CYS A 45 12.89 -18.30 14.22
C CYS A 45 13.09 -17.25 13.15
N ILE A 46 12.87 -15.97 13.34
CA ILE A 46 13.13 -14.93 12.30
C ILE A 46 14.58 -14.87 11.81
N GLN A 47 15.46 -15.00 12.82
CA GLN A 47 16.91 -15.04 12.63
C GLN A 47 17.36 -16.31 11.95
N ALA A 48 16.93 -17.48 12.31
CA ALA A 48 17.27 -18.74 11.62
C ALA A 48 16.99 -18.55 10.12
N ILE A 49 15.84 -17.94 9.83
CA ILE A 49 15.42 -17.64 8.49
C ILE A 49 16.29 -16.72 7.68
N ALA A 50 16.67 -15.61 8.25
CA ALA A 50 17.44 -14.54 7.57
C ALA A 50 18.83 -15.02 7.19
N GLU A 51 19.26 -16.06 7.87
CA GLU A 51 20.53 -16.76 7.72
C GLU A 51 20.46 -18.24 7.39
N ASN A 52 19.58 -18.56 6.45
CA ASN A 52 19.35 -19.87 5.90
C ASN A 52 19.36 -21.10 6.78
N ARG A 53 18.94 -21.12 8.01
CA ARG A 53 18.90 -22.37 8.83
C ARG A 53 17.47 -22.85 9.04
N ALA A 54 16.54 -22.28 8.27
CA ALA A 54 15.10 -22.56 8.24
C ALA A 54 14.57 -21.60 7.18
N ASP A 55 13.41 -21.88 6.69
CA ASP A 55 12.72 -21.22 5.58
C ASP A 55 11.42 -20.46 5.88
N ALA A 56 10.68 -21.01 6.85
CA ALA A 56 9.40 -20.33 7.14
C ALA A 56 8.86 -20.45 8.54
N VAL A 57 7.97 -19.53 8.88
CA VAL A 57 7.33 -19.54 10.21
C VAL A 57 6.09 -18.63 10.16
N THR A 58 5.03 -19.08 10.83
CA THR A 58 3.83 -18.24 10.92
C THR A 58 3.96 -17.36 12.14
N LEU A 59 3.90 -16.07 11.94
CA LEU A 59 3.91 -15.02 12.93
C LEU A 59 2.62 -14.21 12.95
N ASP A 60 2.47 -13.57 14.08
CA ASP A 60 1.39 -12.60 14.34
C ASP A 60 1.90 -11.27 13.70
N GLY A 61 0.91 -10.41 13.46
CA GLY A 61 1.13 -9.06 12.89
C GLY A 61 2.30 -8.35 13.58
N GLY A 62 2.31 -8.37 14.92
CA GLY A 62 3.44 -7.75 15.64
C GLY A 62 4.84 -8.20 15.31
N PHE A 63 4.96 -9.50 15.00
CA PHE A 63 6.30 -10.07 14.69
C PHE A 63 6.45 -9.91 13.18
N ILE A 64 5.37 -9.72 12.41
CA ILE A 64 5.59 -9.50 10.95
C ILE A 64 6.36 -8.17 10.80
N TYR A 65 5.87 -7.23 11.62
CA TYR A 65 6.51 -5.91 11.61
C TYR A 65 7.99 -6.07 11.82
N GLU A 66 8.35 -6.72 12.94
CA GLU A 66 9.74 -6.97 13.34
C GLU A 66 10.54 -7.82 12.38
N ALA A 67 9.92 -8.82 11.76
CA ALA A 67 10.59 -9.73 10.83
C ALA A 67 10.90 -8.92 9.57
N GLY A 68 10.05 -7.91 9.31
CA GLY A 68 10.29 -7.12 8.08
C GLY A 68 11.42 -6.11 8.26
N LEU A 69 11.77 -5.71 9.47
CA LEU A 69 12.87 -4.74 9.64
C LEU A 69 14.22 -5.31 9.23
N ALA A 70 15.04 -4.32 8.87
CA ALA A 70 16.44 -4.76 8.53
C ALA A 70 16.92 -5.23 9.92
N PRO A 71 17.88 -6.12 10.03
CA PRO A 71 18.63 -6.70 8.91
C PRO A 71 18.02 -8.00 8.39
N TYR A 72 16.80 -8.32 8.79
CA TYR A 72 16.04 -9.53 8.47
C TYR A 72 15.32 -9.48 7.12
N LYS A 73 14.57 -8.44 6.90
CA LYS A 73 13.82 -8.19 5.67
C LYS A 73 12.95 -9.32 5.16
N LEU A 74 12.30 -10.03 6.06
CA LEU A 74 11.38 -11.11 5.64
C LEU A 74 10.11 -10.39 5.14
N ARG A 75 9.39 -11.23 4.45
CA ARG A 75 8.15 -10.95 3.75
C ARG A 75 7.10 -12.01 4.05
N PRO A 76 5.91 -11.53 4.29
CA PRO A 76 4.78 -12.44 4.39
C PRO A 76 4.51 -13.07 3.00
N VAL A 77 4.48 -14.38 2.87
CA VAL A 77 4.17 -15.16 1.70
C VAL A 77 2.82 -15.88 1.76
N ALA A 78 2.22 -16.19 2.89
CA ALA A 78 0.93 -16.88 2.92
C ALA A 78 0.15 -16.40 4.11
N ALA A 79 -1.10 -16.05 4.00
CA ALA A 79 -1.93 -15.57 5.06
C ALA A 79 -2.90 -16.64 5.57
N GLU A 80 -2.95 -16.71 6.90
CA GLU A 80 -3.99 -17.65 7.42
C GLU A 80 -5.33 -17.04 7.02
N VAL A 81 -6.34 -17.84 6.81
CA VAL A 81 -7.73 -17.51 6.46
C VAL A 81 -8.58 -18.01 7.63
N TYR A 82 -9.47 -17.19 8.11
CA TYR A 82 -10.37 -17.51 9.20
C TYR A 82 -11.79 -17.46 8.68
N GLY A 83 -12.73 -17.61 9.57
CA GLY A 83 -14.18 -17.70 9.29
C GLY A 83 -14.54 -19.17 8.94
N THR A 84 -15.36 -19.37 7.93
CA THR A 84 -15.82 -20.73 7.48
C THR A 84 -15.66 -20.77 5.99
N GLU A 85 -15.82 -21.89 5.31
CA GLU A 85 -15.59 -22.02 3.87
C GLU A 85 -16.43 -21.13 2.97
N ARG A 86 -17.43 -20.60 3.64
CA ARG A 86 -18.42 -19.78 2.93
C ARG A 86 -18.15 -18.30 3.11
N GLN A 87 -17.52 -17.95 4.22
CA GLN A 87 -17.17 -16.54 4.48
C GLN A 87 -15.78 -16.48 5.05
N PRO A 88 -14.80 -16.80 4.23
CA PRO A 88 -13.43 -16.77 4.68
C PRO A 88 -13.02 -15.31 4.73
N ARG A 89 -12.07 -15.06 5.61
CA ARG A 89 -11.54 -13.68 5.75
C ARG A 89 -10.07 -13.78 6.11
N THR A 90 -9.25 -12.85 5.67
CA THR A 90 -7.83 -12.86 6.03
C THR A 90 -7.61 -11.68 6.99
N HIS A 91 -8.54 -11.49 7.91
CA HIS A 91 -8.38 -10.43 8.91
C HIS A 91 -9.13 -10.95 10.16
N TYR A 92 -8.91 -10.29 11.29
CA TYR A 92 -9.67 -10.69 12.53
C TYR A 92 -9.82 -9.40 13.35
N TYR A 93 -10.61 -9.49 14.40
CA TYR A 93 -10.81 -8.30 15.24
C TYR A 93 -10.15 -8.49 16.59
N ALA A 94 -9.58 -7.43 17.10
CA ALA A 94 -8.93 -7.38 18.41
C ALA A 94 -10.07 -6.88 19.26
N VAL A 95 -10.60 -7.60 20.20
CA VAL A 95 -11.66 -7.11 21.10
C VAL A 95 -11.10 -7.08 22.54
N ALA A 96 -11.82 -6.48 23.45
CA ALA A 96 -11.54 -6.36 24.86
C ALA A 96 -12.81 -6.99 25.48
N VAL A 97 -12.50 -8.13 26.10
CA VAL A 97 -13.46 -9.02 26.78
C VAL A 97 -13.38 -8.84 28.30
N VAL A 98 -14.59 -8.79 28.81
CA VAL A 98 -14.94 -8.64 30.21
C VAL A 98 -16.14 -9.56 30.53
N LYS A 99 -16.31 -9.68 31.83
CA LYS A 99 -17.39 -10.44 32.46
C LYS A 99 -18.58 -9.53 32.77
N LYS A 100 -19.69 -10.18 32.45
CA LYS A 100 -21.02 -9.58 32.75
C LYS A 100 -20.99 -9.14 34.20
N GLY A 101 -21.77 -8.18 34.66
CA GLY A 101 -21.75 -7.87 36.10
C GLY A 101 -21.09 -6.62 36.57
N GLY A 102 -20.19 -6.13 35.76
CA GLY A 102 -19.46 -4.88 36.13
C GLY A 102 -20.09 -3.81 35.21
N SER A 103 -19.63 -2.60 35.41
CA SER A 103 -20.11 -1.44 34.68
C SER A 103 -18.90 -0.49 34.63
N PHE A 104 -17.92 -0.80 33.88
CA PHE A 104 -16.73 0.05 33.63
C PHE A 104 -16.72 -0.07 32.11
N GLN A 105 -16.44 1.00 31.43
CA GLN A 105 -16.37 1.16 29.97
C GLN A 105 -14.89 1.17 29.57
N LEU A 106 -14.51 1.42 28.35
CA LEU A 106 -13.11 1.40 27.94
C LEU A 106 -12.28 2.59 28.37
N ASN A 107 -12.93 3.62 28.86
CA ASN A 107 -12.27 4.87 29.31
C ASN A 107 -11.92 4.92 30.80
N GLU A 108 -12.39 3.96 31.53
CA GLU A 108 -12.28 3.70 32.94
C GLU A 108 -11.55 2.40 33.32
N LEU A 109 -10.37 2.15 32.80
CA LEU A 109 -9.57 0.97 33.14
C LEU A 109 -8.39 1.20 34.08
N GLN A 110 -8.02 2.45 34.31
CA GLN A 110 -6.91 2.81 35.18
C GLN A 110 -7.07 2.01 36.48
N GLY A 111 -6.03 1.37 36.94
CA GLY A 111 -6.05 0.59 38.16
C GLY A 111 -6.74 -0.75 38.20
N LEU A 112 -7.34 -1.19 37.10
CA LEU A 112 -7.99 -2.50 36.93
C LEU A 112 -6.87 -3.51 36.64
N LYS A 113 -7.33 -4.77 36.51
CA LYS A 113 -6.17 -5.72 36.23
C LYS A 113 -6.37 -6.22 34.81
N SER A 114 -5.27 -6.38 34.09
CA SER A 114 -5.43 -6.82 32.69
C SER A 114 -4.66 -8.05 32.28
N CYS A 115 -5.28 -8.76 31.34
CA CYS A 115 -4.63 -9.99 30.78
C CYS A 115 -4.31 -9.73 29.32
N HIS A 116 -3.10 -9.89 28.84
CA HIS A 116 -2.70 -9.70 27.47
C HIS A 116 -2.11 -11.02 26.94
N THR A 117 -2.12 -11.22 25.62
CA THR A 117 -1.67 -12.41 24.93
C THR A 117 -0.16 -12.45 24.91
N GLY A 118 0.47 -11.28 24.94
CA GLY A 118 1.98 -11.38 25.00
C GLY A 118 2.51 -10.00 24.60
N LEU A 119 3.75 -9.71 24.89
CA LEU A 119 4.36 -8.42 24.60
C LEU A 119 4.41 -8.31 23.06
N ARG A 120 4.07 -7.16 22.48
CA ARG A 120 4.15 -6.99 21.03
C ARG A 120 3.24 -7.66 20.00
N ARG A 121 2.26 -8.35 20.48
CA ARG A 121 1.26 -9.08 19.70
C ARG A 121 0.17 -8.02 19.46
N THR A 122 -0.43 -8.20 18.28
CA THR A 122 -1.47 -7.34 17.72
C THR A 122 -2.59 -7.05 18.71
N ALA A 123 -3.28 -8.17 18.96
CA ALA A 123 -4.45 -7.98 19.84
C ALA A 123 -4.14 -7.91 21.32
N GLY A 124 -3.08 -8.57 21.75
CA GLY A 124 -2.79 -8.56 23.20
C GLY A 124 -1.95 -7.35 23.59
N TRP A 125 -1.21 -6.72 22.67
CA TRP A 125 -0.38 -5.53 22.94
C TRP A 125 -0.59 -4.27 22.07
N ASN A 126 -0.07 -4.29 20.83
CA ASN A 126 -0.13 -3.13 19.93
C ASN A 126 -1.47 -2.38 19.91
N VAL A 127 -2.57 -3.12 19.71
CA VAL A 127 -3.90 -2.48 19.61
C VAL A 127 -4.40 -1.88 20.88
N PRO A 128 -4.48 -2.62 21.98
CA PRO A 128 -4.99 -2.07 23.26
C PRO A 128 -4.19 -0.90 23.81
N ILE A 129 -2.87 -0.95 23.77
CA ILE A 129 -1.96 0.09 24.25
C ILE A 129 -2.10 1.31 23.34
N GLY A 130 -2.11 1.15 22.04
CA GLY A 130 -2.31 2.34 21.18
C GLY A 130 -3.67 2.96 21.46
N THR A 131 -4.74 2.25 21.72
CA THR A 131 -6.05 2.84 22.02
C THR A 131 -6.09 3.61 23.31
N LEU A 132 -5.31 3.13 24.25
CA LEU A 132 -5.19 3.57 25.61
C LEU A 132 -4.21 4.70 25.79
N ARG A 133 -3.29 4.90 24.89
CA ARG A 133 -2.30 5.95 24.95
C ARG A 133 -2.75 7.26 25.58
N PRO A 134 -3.91 7.81 25.21
CA PRO A 134 -4.48 9.03 25.75
C PRO A 134 -4.55 9.05 27.27
N PHE A 135 -4.85 7.92 27.83
CA PHE A 135 -4.94 7.68 29.26
C PHE A 135 -3.61 7.47 29.98
N LEU A 136 -2.49 7.19 29.38
CA LEU A 136 -1.25 6.90 30.06
C LEU A 136 -0.31 7.99 30.53
N ASN A 137 -0.55 9.24 30.29
CA ASN A 137 0.45 10.24 30.72
C ASN A 137 1.84 9.74 30.32
N TRP A 138 1.99 9.13 29.16
CA TRP A 138 3.40 8.69 28.91
C TRP A 138 4.15 9.94 28.43
N THR A 139 5.41 10.06 28.80
CA THR A 139 6.37 11.12 28.54
C THR A 139 7.11 10.96 27.22
N GLY A 140 7.03 9.78 26.65
CA GLY A 140 7.66 9.51 25.34
C GLY A 140 9.02 8.93 25.77
N PRO A 141 9.80 8.57 24.79
CA PRO A 141 11.12 8.01 25.07
C PRO A 141 11.99 9.07 25.75
N PRO A 142 13.09 8.69 26.37
CA PRO A 142 13.52 7.29 26.48
C PRO A 142 12.70 6.45 27.44
N GLU A 143 11.73 6.99 28.24
CA GLU A 143 11.00 6.09 29.15
C GLU A 143 10.16 5.12 28.33
N PRO A 144 10.39 3.84 28.55
CA PRO A 144 9.71 2.77 27.81
C PRO A 144 8.22 2.82 28.02
N ILE A 145 7.41 2.47 27.03
CA ILE A 145 5.95 2.66 27.18
C ILE A 145 5.42 1.69 28.22
N GLU A 146 6.17 0.62 28.44
CA GLU A 146 5.92 -0.46 29.41
C GLU A 146 5.74 0.09 30.82
N ALA A 147 6.62 1.03 31.14
CA ALA A 147 6.56 1.74 32.43
C ALA A 147 5.24 2.50 32.64
N ALA A 148 4.76 3.13 31.54
CA ALA A 148 3.50 3.87 31.67
C ALA A 148 2.34 2.89 31.85
N VAL A 149 2.37 1.73 31.19
CA VAL A 149 1.16 0.87 31.42
C VAL A 149 1.16 0.21 32.79
N ALA A 150 2.38 -0.04 33.26
CA ALA A 150 2.64 -0.60 34.59
C ALA A 150 2.12 0.39 35.63
N ARG A 151 2.06 1.69 35.33
CA ARG A 151 1.45 2.54 36.40
C ARG A 151 -0.03 2.57 36.13
N PHE A 152 -0.40 2.24 34.91
CA PHE A 152 -1.82 2.27 34.52
C PHE A 152 -2.64 1.25 35.27
N PHE A 153 -2.33 -0.01 35.01
CA PHE A 153 -3.14 -1.09 35.70
C PHE A 153 -2.46 -1.40 37.04
N SER A 154 -3.28 -1.93 37.94
CA SER A 154 -2.66 -2.29 39.28
C SER A 154 -1.71 -3.47 39.12
N ALA A 155 -2.17 -4.39 38.28
CA ALA A 155 -1.43 -5.59 37.84
C ALA A 155 -1.96 -6.13 36.48
N SER A 156 -1.02 -6.87 35.87
CA SER A 156 -1.29 -7.52 34.59
C SER A 156 -0.46 -8.77 34.36
N CYS A 157 -0.86 -9.38 33.24
CA CYS A 157 -0.05 -10.55 32.81
C CYS A 157 0.37 -10.20 31.38
N VAL A 158 1.55 -9.88 31.02
CA VAL A 158 2.09 -9.49 29.74
C VAL A 158 3.37 -10.35 29.53
N PRO A 159 3.03 -11.57 29.11
CA PRO A 159 4.08 -12.54 28.85
C PRO A 159 5.14 -11.90 27.97
N GLY A 160 6.38 -11.92 28.31
CA GLY A 160 7.52 -11.48 27.51
C GLY A 160 8.02 -10.15 28.04
N ALA A 161 7.16 -9.67 28.94
CA ALA A 161 7.57 -8.33 29.52
C ALA A 161 8.83 -8.56 30.32
N ASP A 162 9.53 -7.53 30.75
CA ASP A 162 10.74 -7.73 31.60
C ASP A 162 10.29 -7.77 33.05
N LYS A 163 10.21 -8.96 33.62
CA LYS A 163 9.83 -9.17 35.03
C LYS A 163 10.60 -8.19 35.92
N GLY A 164 11.84 -8.07 35.52
CA GLY A 164 12.99 -7.31 35.95
C GLY A 164 12.55 -5.91 36.31
N GLN A 165 12.39 -5.11 35.32
CA GLN A 165 11.96 -3.71 35.30
C GLN A 165 10.45 -3.45 35.46
N PHE A 166 9.65 -4.41 35.01
CA PHE A 166 8.19 -4.22 35.06
C PHE A 166 7.47 -5.34 35.78
N PRO A 167 7.87 -5.59 37.01
CA PRO A 167 7.25 -6.64 37.81
C PRO A 167 5.74 -6.58 37.69
N ASN A 168 5.20 -5.38 37.75
CA ASN A 168 3.75 -5.16 37.67
C ASN A 168 3.01 -5.81 36.50
N LEU A 169 3.63 -5.79 35.35
CA LEU A 169 3.22 -6.33 34.05
C LEU A 169 3.23 -7.88 34.07
N CYS A 170 3.86 -8.39 35.13
CA CYS A 170 4.05 -9.86 35.27
C CYS A 170 3.31 -10.38 36.48
N ARG A 171 2.88 -9.48 37.34
CA ARG A 171 2.16 -9.87 38.55
C ARG A 171 1.23 -11.04 38.27
N LEU A 172 0.14 -10.85 37.56
CA LEU A 172 -0.82 -11.94 37.35
C LEU A 172 -0.39 -13.13 36.53
N CYS A 173 0.82 -13.27 36.05
CA CYS A 173 1.12 -14.47 35.22
C CYS A 173 1.14 -15.67 36.18
N ALA A 174 0.74 -16.83 35.75
CA ALA A 174 0.61 -18.10 36.39
C ALA A 174 1.75 -19.09 36.31
N GLY A 175 2.73 -18.83 35.47
CA GLY A 175 3.91 -19.72 35.31
C GLY A 175 4.52 -19.84 36.71
N THR A 176 5.21 -20.94 36.86
CA THR A 176 5.89 -21.50 38.03
C THR A 176 7.40 -21.54 37.86
N GLY A 177 8.06 -20.62 38.54
CA GLY A 177 9.54 -20.68 38.44
C GLY A 177 9.94 -19.51 37.55
N GLU A 178 10.89 -19.85 36.70
CA GLU A 178 11.41 -18.80 35.79
C GLU A 178 10.51 -18.66 34.56
N ASN A 179 9.55 -19.57 34.52
CA ASN A 179 8.45 -19.71 33.57
C ASN A 179 7.44 -18.56 33.76
N LYS A 180 7.32 -18.11 35.01
CA LYS A 180 6.40 -17.01 35.29
C LYS A 180 6.69 -15.95 34.19
N CYS A 181 5.56 -15.68 33.56
CA CYS A 181 5.45 -14.64 32.52
C CYS A 181 6.36 -14.81 31.31
N ALA A 182 6.71 -16.02 30.96
CA ALA A 182 7.54 -16.30 29.76
C ALA A 182 6.61 -16.21 28.54
N PHE A 183 7.24 -16.07 27.41
CA PHE A 183 6.54 -15.97 26.10
C PHE A 183 6.50 -17.34 25.40
N SER A 184 5.72 -18.23 26.02
CA SER A 184 5.55 -19.59 25.52
C SER A 184 4.46 -20.23 26.38
N SER A 185 4.20 -21.47 26.05
CA SER A 185 3.18 -22.29 26.72
C SER A 185 3.50 -22.71 28.14
N GLN A 186 4.76 -22.63 28.46
CA GLN A 186 5.21 -22.95 29.84
C GLN A 186 4.38 -21.95 30.65
N GLU A 187 3.92 -20.87 30.02
CA GLU A 187 3.10 -19.80 30.65
C GLU A 187 1.64 -19.99 30.29
N PRO A 188 0.91 -20.35 31.33
CA PRO A 188 -0.48 -20.74 31.16
C PRO A 188 -1.36 -19.65 30.65
N TYR A 189 -0.95 -18.41 30.88
CA TYR A 189 -1.82 -17.26 30.55
C TYR A 189 -1.35 -16.58 29.26
N PHE A 190 -0.53 -17.26 28.50
CA PHE A 190 0.07 -16.89 27.23
C PHE A 190 -0.92 -17.16 26.08
N SER A 191 -0.87 -16.27 25.11
CA SER A 191 -1.68 -16.28 23.90
C SER A 191 -3.13 -16.01 24.10
N TYR A 192 -3.95 -16.25 23.10
CA TYR A 192 -5.38 -15.95 23.19
C TYR A 192 -6.13 -16.69 24.27
N SER A 193 -5.90 -18.00 24.24
CA SER A 193 -6.52 -18.86 25.28
C SER A 193 -5.87 -18.60 26.66
N GLY A 194 -4.56 -18.42 26.84
CA GLY A 194 -4.10 -18.08 28.20
C GLY A 194 -4.74 -16.78 28.64
N ALA A 195 -4.71 -15.67 27.92
CA ALA A 195 -5.33 -14.39 28.24
C ALA A 195 -6.78 -14.48 28.60
N PHE A 196 -7.49 -15.29 27.86
CA PHE A 196 -8.94 -15.57 28.08
C PHE A 196 -9.12 -16.34 29.40
N LYS A 197 -8.22 -17.28 29.71
CA LYS A 197 -8.20 -18.06 30.95
C LYS A 197 -7.86 -17.11 32.09
N CYS A 198 -6.90 -16.23 31.99
CA CYS A 198 -6.60 -15.21 33.03
C CYS A 198 -7.86 -14.46 33.43
N LEU A 199 -8.75 -14.15 32.49
CA LEU A 199 -10.02 -13.46 32.74
C LEU A 199 -10.99 -14.37 33.53
N LYS A 200 -11.20 -15.54 32.93
CA LYS A 200 -12.03 -16.61 33.51
C LYS A 200 -11.65 -16.88 34.97
N ASP A 201 -10.42 -17.22 35.29
CA ASP A 201 -9.94 -17.48 36.65
C ASP A 201 -10.20 -16.28 37.59
N GLY A 202 -10.58 -15.13 37.01
CA GLY A 202 -10.83 -13.97 37.91
C GLY A 202 -9.46 -13.36 38.20
N ALA A 203 -8.42 -13.69 37.47
CA ALA A 203 -7.12 -13.04 37.70
C ALA A 203 -7.07 -11.63 37.15
N GLY A 204 -7.71 -11.33 36.02
CA GLY A 204 -7.60 -9.91 35.48
C GLY A 204 -9.06 -9.51 35.24
N ASP A 205 -9.33 -8.23 35.07
CA ASP A 205 -10.65 -7.66 34.82
C ASP A 205 -10.99 -7.52 33.33
N VAL A 206 -10.00 -7.57 32.45
CA VAL A 206 -10.30 -7.38 31.00
C VAL A 206 -9.30 -8.28 30.30
N ALA A 207 -9.70 -8.89 29.23
CA ALA A 207 -8.76 -9.72 28.42
C ALA A 207 -8.64 -9.07 27.02
N PHE A 208 -7.47 -8.92 26.48
CA PHE A 208 -7.19 -8.33 25.14
C PHE A 208 -6.78 -9.45 24.18
N ILE A 209 -7.72 -10.01 23.45
CA ILE A 209 -7.63 -11.14 22.52
C ILE A 209 -8.44 -10.93 21.25
N ARG A 210 -8.68 -11.98 20.50
CA ARG A 210 -9.40 -11.99 19.23
C ARG A 210 -10.87 -12.35 19.34
N GLU A 211 -11.66 -12.02 18.31
CA GLU A 211 -13.10 -12.30 18.43
C GLU A 211 -13.53 -13.74 18.57
N SER A 212 -12.76 -14.74 18.20
CA SER A 212 -13.13 -16.15 18.19
C SER A 212 -12.92 -16.96 19.46
N THR A 213 -11.96 -16.47 20.22
CA THR A 213 -11.49 -17.07 21.45
C THR A 213 -12.71 -17.48 22.28
N VAL A 214 -13.58 -16.54 22.56
CA VAL A 214 -14.74 -16.82 23.41
C VAL A 214 -15.54 -17.96 22.82
N PHE A 215 -15.63 -18.01 21.50
CA PHE A 215 -16.37 -19.11 20.85
C PHE A 215 -15.52 -20.35 20.83
N GLU A 216 -14.24 -20.24 20.63
CA GLU A 216 -13.45 -21.48 20.59
C GLU A 216 -13.38 -22.20 21.92
N ASP A 217 -13.33 -21.43 22.98
CA ASP A 217 -13.09 -21.99 24.32
C ASP A 217 -14.35 -22.17 25.15
N LEU A 218 -15.45 -21.56 24.77
CA LEU A 218 -16.67 -21.80 25.56
C LEU A 218 -17.63 -22.57 24.64
N SER A 219 -17.59 -23.88 24.81
CA SER A 219 -18.40 -24.89 24.10
C SER A 219 -19.90 -24.56 24.05
N ASP A 220 -20.51 -24.63 25.21
CA ASP A 220 -21.91 -24.38 25.50
C ASP A 220 -22.27 -22.89 25.39
N GLU A 221 -23.37 -22.63 24.73
CA GLU A 221 -23.78 -21.30 24.27
C GLU A 221 -24.04 -20.31 25.38
N ALA A 222 -24.50 -20.81 26.51
CA ALA A 222 -24.90 -20.09 27.70
C ALA A 222 -23.78 -19.60 28.62
N GLU A 223 -22.63 -20.24 28.49
CA GLU A 223 -21.42 -19.92 29.25
C GLU A 223 -20.86 -18.59 28.75
N ARG A 224 -20.96 -18.35 27.47
CA ARG A 224 -20.50 -17.21 26.68
C ARG A 224 -21.24 -15.93 27.09
N ASP A 225 -22.48 -16.17 27.48
CA ASP A 225 -23.44 -15.18 27.97
C ASP A 225 -22.88 -14.51 29.22
N GLU A 226 -21.99 -15.15 29.90
CA GLU A 226 -21.43 -14.50 31.12
C GLU A 226 -20.40 -13.44 30.72
N TYR A 227 -20.17 -13.34 29.41
CA TYR A 227 -19.21 -12.39 28.84
C TYR A 227 -19.81 -11.28 27.97
N GLU A 228 -19.08 -10.19 27.95
CA GLU A 228 -19.34 -8.95 27.21
C GLU A 228 -18.00 -8.41 26.68
N LEU A 229 -18.08 -7.47 25.76
CA LEU A 229 -17.01 -6.78 25.05
C LEU A 229 -17.03 -5.33 25.45
N LEU A 230 -15.93 -4.63 25.56
CA LEU A 230 -15.83 -3.18 25.80
C LEU A 230 -15.66 -2.49 24.42
N CYS A 231 -16.68 -1.71 24.03
CA CYS A 231 -16.62 -1.06 22.69
C CYS A 231 -15.99 0.32 22.77
N PRO A 232 -15.38 0.73 21.67
CA PRO A 232 -14.68 2.02 21.66
C PRO A 232 -15.53 3.25 21.98
N ASP A 233 -16.83 3.19 21.93
CA ASP A 233 -17.74 4.30 22.18
C ASP A 233 -18.31 4.17 23.59
N ASN A 234 -17.48 3.63 24.44
CA ASN A 234 -17.91 3.39 25.84
C ASN A 234 -19.25 2.72 26.05
N THR A 235 -19.48 1.60 25.37
CA THR A 235 -20.68 0.75 25.49
C THR A 235 -20.13 -0.65 25.63
N ARG A 236 -20.78 -1.53 26.30
CA ARG A 236 -20.64 -3.00 26.36
C ARG A 236 -21.69 -3.56 25.40
N LYS A 237 -21.43 -4.68 24.79
CA LYS A 237 -22.22 -5.43 23.84
C LYS A 237 -21.91 -6.92 24.02
N PRO A 238 -22.82 -7.73 23.51
CA PRO A 238 -22.69 -9.19 23.55
C PRO A 238 -21.44 -9.55 22.74
N VAL A 239 -20.86 -10.68 23.08
CA VAL A 239 -19.66 -11.19 22.45
C VAL A 239 -19.76 -11.41 20.96
N ASP A 240 -21.00 -11.52 20.46
CA ASP A 240 -21.20 -11.87 19.02
C ASP A 240 -21.36 -10.68 18.10
N LYS A 241 -21.45 -9.55 18.76
CA LYS A 241 -21.55 -8.21 18.17
C LYS A 241 -20.17 -7.62 17.94
N PHE A 242 -19.17 -8.47 17.78
CA PHE A 242 -17.77 -8.01 17.56
C PHE A 242 -17.56 -7.06 16.39
N LYS A 243 -18.00 -7.20 15.27
CA LYS A 243 -18.24 -6.38 14.09
C LYS A 243 -18.63 -4.93 14.44
N ASP A 244 -19.45 -4.70 15.46
CA ASP A 244 -19.89 -3.35 15.84
C ASP A 244 -19.22 -2.90 17.13
N CYS A 245 -18.23 -3.67 17.56
CA CYS A 245 -17.54 -3.47 18.86
C CYS A 245 -16.22 -4.18 18.96
N HIS A 246 -15.18 -3.62 18.41
CA HIS A 246 -13.82 -4.16 18.31
C HIS A 246 -12.84 -3.01 18.39
N LEU A 247 -11.61 -3.31 18.76
CA LEU A 247 -10.71 -2.15 18.88
C LEU A 247 -10.02 -1.99 17.55
N ALA A 248 -10.08 -2.97 16.67
CA ALA A 248 -9.34 -2.79 15.39
C ALA A 248 -9.58 -4.06 14.59
N ARG A 249 -9.50 -3.91 13.29
CA ARG A 249 -9.71 -4.97 12.29
C ARG A 249 -8.28 -5.16 11.76
N VAL A 250 -7.77 -6.34 12.00
CA VAL A 250 -6.36 -6.63 11.73
C VAL A 250 -6.09 -7.78 10.77
N PRO A 251 -4.94 -7.67 10.11
CA PRO A 251 -4.46 -8.64 9.14
C PRO A 251 -4.23 -9.94 9.90
N SER A 252 -4.50 -11.01 9.19
CA SER A 252 -4.36 -12.38 9.71
C SER A 252 -2.90 -12.75 9.91
N HIS A 253 -2.62 -13.66 10.82
CA HIS A 253 -1.17 -14.05 10.99
C HIS A 253 -0.72 -14.52 9.61
N ALA A 254 0.55 -14.63 9.31
CA ALA A 254 1.10 -15.08 8.03
C ALA A 254 2.45 -15.80 8.23
N VAL A 255 2.76 -16.62 7.26
CA VAL A 255 4.00 -17.38 7.12
C VAL A 255 4.99 -16.42 6.51
N VAL A 256 6.17 -16.19 7.02
CA VAL A 256 7.08 -15.21 6.42
C VAL A 256 8.19 -15.98 5.75
N ALA A 257 8.94 -15.34 4.91
CA ALA A 257 10.07 -16.14 4.33
C ALA A 257 11.01 -15.00 3.97
N ARG A 258 12.10 -15.33 3.37
CA ARG A 258 13.15 -14.43 2.90
C ARG A 258 12.62 -13.77 1.62
N SER A 259 13.00 -12.53 1.51
CA SER A 259 12.74 -11.64 0.42
C SER A 259 13.57 -12.03 -0.79
N VAL A 260 14.85 -12.24 -0.63
CA VAL A 260 15.80 -12.56 -1.70
C VAL A 260 15.85 -13.96 -2.26
N ASN A 261 16.15 -14.99 -1.48
CA ASN A 261 16.14 -16.37 -2.12
C ASN A 261 15.26 -17.22 -1.18
N GLY A 262 14.04 -16.75 -0.98
CA GLY A 262 12.96 -17.20 -0.16
C GLY A 262 12.39 -18.59 -0.23
N LYS A 263 12.40 -19.28 -1.30
CA LYS A 263 11.83 -20.58 -1.61
C LYS A 263 10.29 -20.48 -1.67
N GLU A 264 9.77 -19.36 -2.17
CA GLU A 264 8.34 -19.13 -2.26
C GLU A 264 7.53 -20.18 -2.99
N ASP A 265 7.90 -20.86 -4.05
CA ASP A 265 6.96 -21.91 -4.59
C ASP A 265 6.92 -23.16 -3.73
N ALA A 266 8.10 -23.54 -3.24
CA ALA A 266 8.21 -24.72 -2.36
C ALA A 266 7.21 -24.59 -1.22
N ILE A 267 7.25 -23.43 -0.58
CA ILE A 267 6.41 -23.12 0.59
C ILE A 267 4.91 -23.26 0.29
N TRP A 268 4.53 -22.56 -0.80
CA TRP A 268 3.14 -22.55 -1.27
C TRP A 268 2.71 -23.92 -1.83
N ASN A 269 3.66 -24.56 -2.51
CA ASN A 269 3.39 -25.91 -3.05
C ASN A 269 3.04 -26.73 -1.81
N LEU A 270 3.93 -26.68 -0.82
CA LEU A 270 3.69 -27.42 0.46
C LEU A 270 2.41 -27.15 1.23
N LEU A 271 2.18 -25.85 1.47
CA LEU A 271 0.96 -25.42 2.17
C LEU A 271 -0.32 -25.82 1.46
N ARG A 272 -0.36 -25.64 0.16
CA ARG A 272 -1.50 -25.94 -0.74
C ARG A 272 -1.96 -27.39 -0.64
N GLN A 273 -0.96 -28.27 -0.59
CA GLN A 273 -1.20 -29.72 -0.47
C GLN A 273 -1.65 -30.07 0.95
N ALA A 274 -0.86 -29.57 1.90
CA ALA A 274 -1.11 -29.78 3.33
C ALA A 274 -2.53 -29.40 3.64
N GLN A 275 -3.01 -28.28 3.15
CA GLN A 275 -4.40 -27.85 3.45
C GLN A 275 -5.41 -28.88 2.94
N GLU A 276 -5.14 -29.32 1.72
CA GLU A 276 -6.00 -30.24 0.96
C GLU A 276 -6.17 -31.56 1.70
N LYS A 277 -5.04 -32.16 1.97
CA LYS A 277 -4.89 -33.45 2.64
C LYS A 277 -5.21 -33.52 4.12
N PHE A 278 -4.71 -32.44 4.86
CA PHE A 278 -4.81 -32.39 6.33
C PHE A 278 -5.46 -31.11 6.83
N GLY A 279 -6.24 -30.48 5.98
CA GLY A 279 -6.97 -29.26 6.33
C GLY A 279 -8.24 -29.63 7.08
N LYS A 280 -8.94 -28.71 7.62
CA LYS A 280 -10.32 -28.79 8.13
C LYS A 280 -10.93 -30.11 7.72
N ASP A 281 -11.05 -31.03 8.67
CA ASP A 281 -11.60 -32.38 8.54
C ASP A 281 -11.42 -33.09 7.18
N LYS A 282 -10.23 -33.59 6.99
CA LYS A 282 -9.58 -34.30 5.93
C LYS A 282 -8.73 -35.50 6.30
N SER A 283 -8.30 -35.56 7.55
CA SER A 283 -7.51 -36.69 8.06
C SER A 283 -7.50 -36.79 9.58
N PRO A 284 -7.95 -37.93 10.07
CA PRO A 284 -7.89 -38.20 11.51
C PRO A 284 -6.45 -38.64 11.76
N LYS A 285 -5.68 -38.92 10.71
CA LYS A 285 -4.26 -39.24 10.98
C LYS A 285 -3.57 -38.01 11.61
N PHE A 286 -3.72 -36.85 11.01
CA PHE A 286 -3.11 -35.58 11.41
C PHE A 286 -3.97 -34.38 11.01
N GLN A 287 -4.02 -33.36 11.87
CA GLN A 287 -4.75 -32.12 11.58
C GLN A 287 -3.84 -30.88 11.53
N LEU A 288 -3.65 -30.23 10.38
CA LEU A 288 -2.82 -29.01 10.31
C LEU A 288 -3.29 -27.88 11.23
N PHE A 289 -4.62 -27.77 11.33
CA PHE A 289 -5.15 -26.68 12.15
C PHE A 289 -5.73 -27.10 13.48
N GLY A 290 -5.06 -28.07 14.09
CA GLY A 290 -5.59 -28.47 15.45
C GLY A 290 -4.42 -28.91 16.31
N SER A 291 -4.66 -28.83 17.59
CA SER A 291 -3.57 -29.17 18.54
C SER A 291 -3.90 -30.32 19.49
N PRO A 292 -2.86 -31.05 19.86
CA PRO A 292 -2.96 -32.13 20.85
C PRO A 292 -3.59 -31.50 22.10
N SER A 293 -4.26 -32.26 22.92
CA SER A 293 -4.94 -31.92 24.13
C SER A 293 -4.40 -30.89 25.10
N GLY A 294 -3.12 -30.79 25.37
CA GLY A 294 -2.66 -29.76 26.33
C GLY A 294 -2.24 -28.45 25.66
N GLN A 295 -2.23 -28.39 24.33
CA GLN A 295 -1.78 -27.24 23.55
C GLN A 295 -2.80 -26.39 22.81
N LYS A 296 -2.29 -25.28 22.28
CA LYS A 296 -3.13 -24.34 21.54
C LYS A 296 -2.29 -23.76 20.42
N ASP A 297 -2.79 -23.70 19.22
CA ASP A 297 -2.13 -23.06 18.10
C ASP A 297 -0.67 -23.47 17.94
N LEU A 298 -0.40 -24.73 17.71
CA LEU A 298 0.99 -25.10 17.46
C LEU A 298 1.13 -24.92 15.94
N LEU A 299 2.14 -24.16 15.61
CA LEU A 299 2.47 -23.92 14.19
C LEU A 299 1.49 -22.99 13.49
N PHE A 300 0.23 -23.15 13.61
CA PHE A 300 -0.80 -22.35 12.97
C PHE A 300 -1.94 -22.20 13.97
N LYS A 301 -2.78 -21.25 13.71
CA LYS A 301 -3.95 -20.95 14.52
C LYS A 301 -4.96 -22.09 14.40
N ASP A 302 -5.50 -22.53 15.54
CA ASP A 302 -6.51 -23.60 15.46
C ASP A 302 -7.79 -23.05 14.81
N SER A 303 -8.28 -24.01 14.02
CA SER A 303 -9.57 -23.61 13.40
C SER A 303 -9.40 -22.59 12.29
N ALA A 304 -8.19 -22.42 11.79
CA ALA A 304 -7.93 -21.62 10.58
C ALA A 304 -8.54 -22.54 9.50
N ILE A 305 -8.87 -21.99 8.34
CA ILE A 305 -9.49 -22.80 7.29
C ILE A 305 -8.62 -23.08 6.10
N GLY A 306 -7.52 -22.40 5.95
CA GLY A 306 -6.57 -22.61 4.86
C GLY A 306 -5.60 -21.43 4.85
N PHE A 307 -4.97 -21.30 3.71
CA PHE A 307 -4.02 -20.22 3.42
C PHE A 307 -4.51 -19.45 2.19
N SER A 308 -3.97 -18.27 2.07
CA SER A 308 -4.21 -17.36 0.92
C SER A 308 -2.85 -16.84 0.49
N ARG A 309 -2.44 -17.04 -0.74
CA ARG A 309 -1.10 -16.58 -1.17
C ARG A 309 -1.00 -15.06 -1.20
N VAL A 310 0.14 -14.55 -0.77
CA VAL A 310 0.35 -13.08 -0.78
C VAL A 310 1.12 -12.72 -2.06
N PRO A 311 0.48 -11.91 -2.91
CA PRO A 311 1.05 -11.36 -4.16
C PRO A 311 2.41 -10.72 -3.87
N PRO A 312 3.31 -11.05 -4.79
CA PRO A 312 4.70 -10.66 -4.65
C PRO A 312 4.99 -9.22 -4.39
N ARG A 313 4.22 -8.24 -4.73
CA ARG A 313 4.71 -6.84 -4.48
C ARG A 313 4.59 -6.44 -3.01
N ILE A 314 3.95 -7.33 -2.23
CA ILE A 314 3.69 -7.05 -0.81
C ILE A 314 4.82 -7.37 0.15
N ASP A 315 5.03 -6.33 0.96
CA ASP A 315 6.06 -6.33 2.04
C ASP A 315 5.34 -6.16 3.35
N SER A 316 6.05 -6.25 4.47
CA SER A 316 5.41 -6.14 5.80
C SER A 316 4.58 -4.88 5.89
N GLY A 317 5.29 -3.80 5.57
CA GLY A 317 4.58 -2.49 5.63
C GLY A 317 3.27 -2.57 4.88
N LEU A 318 3.32 -3.03 3.60
CA LEU A 318 2.03 -3.07 2.84
C LEU A 318 1.01 -4.07 3.39
N TYR A 319 1.57 -5.11 4.03
CA TYR A 319 0.69 -6.19 4.54
C TYR A 319 -0.03 -5.67 5.77
N LEU A 320 0.73 -4.92 6.58
CA LEU A 320 0.04 -4.41 7.79
C LEU A 320 -1.01 -3.36 7.58
N GLY A 321 -0.82 -2.55 6.54
CA GLY A 321 -1.82 -1.44 6.29
C GLY A 321 -1.17 -0.20 7.00
N SER A 322 -1.53 0.95 6.42
CA SER A 322 -0.94 2.25 6.83
C SER A 322 -1.36 2.55 8.27
N GLY A 323 -2.65 2.23 8.50
CA GLY A 323 -3.09 2.43 9.88
C GLY A 323 -2.24 1.70 10.92
N TYR A 324 -2.23 0.38 10.84
CA TYR A 324 -1.63 -0.59 11.74
C TYR A 324 -0.15 -0.40 11.72
N PHE A 325 0.35 -0.42 10.50
CA PHE A 325 1.84 -0.24 10.43
C PHE A 325 2.29 1.04 11.13
N THR A 326 1.56 2.16 11.02
CA THR A 326 2.08 3.41 11.59
C THR A 326 1.79 3.50 13.08
N ALA A 327 0.69 2.87 13.44
CA ALA A 327 0.29 2.76 14.85
C ALA A 327 1.41 2.05 15.60
N ILE A 328 2.06 1.06 15.05
CA ILE A 328 3.11 0.25 15.66
C ILE A 328 4.32 1.15 15.95
N GLN A 329 4.74 1.81 14.90
CA GLN A 329 5.88 2.75 14.86
C GLN A 329 5.55 3.88 15.84
N ASN A 330 4.34 4.35 15.93
CA ASN A 330 4.00 5.40 16.87
C ASN A 330 4.14 4.97 18.33
N LEU A 331 4.41 3.75 18.66
CA LEU A 331 4.53 3.28 20.06
C LEU A 331 5.90 3.67 20.60
N ARG A 332 6.79 3.87 19.65
CA ARG A 332 8.14 4.24 20.00
C ARG A 332 8.37 5.75 19.75
N LYS A 333 7.34 6.57 19.75
CA LYS A 333 7.53 7.99 19.48
C LYS A 333 6.87 8.92 20.45
N SER A 334 7.33 10.14 20.69
CA SER A 334 6.57 10.98 21.62
C SER A 334 5.25 11.40 21.00
N GLU A 335 4.30 11.94 21.75
CA GLU A 335 3.06 12.48 21.28
C GLU A 335 3.35 13.73 20.42
N GLU A 336 4.48 14.41 20.65
CA GLU A 336 4.95 15.59 19.97
C GLU A 336 5.60 15.28 18.64
N GLU A 337 6.39 14.25 18.57
CA GLU A 337 7.01 13.82 17.32
C GLU A 337 5.89 13.22 16.46
N VAL A 338 4.90 12.61 17.07
CA VAL A 338 3.76 12.07 16.32
C VAL A 338 2.87 13.20 15.79
N ALA A 339 2.64 14.29 16.54
CA ALA A 339 1.79 15.39 16.08
C ALA A 339 2.46 16.24 14.98
N ALA A 340 3.78 16.22 15.02
CA ALA A 340 4.62 16.94 14.09
C ALA A 340 4.57 16.24 12.73
N ARG A 341 4.44 14.94 12.78
CA ARG A 341 4.36 14.06 11.61
C ARG A 341 2.95 14.11 10.96
N ARG A 342 1.91 14.38 11.72
CA ARG A 342 0.55 14.53 11.25
C ARG A 342 0.33 15.90 10.55
N ALA A 343 1.06 16.89 11.02
CA ALA A 343 1.02 18.27 10.52
C ALA A 343 1.79 18.47 9.19
N ARG A 344 2.89 17.74 9.08
CA ARG A 344 3.79 17.77 7.93
C ARG A 344 3.30 16.94 6.72
N VAL A 345 3.55 17.47 5.53
CA VAL A 345 3.22 16.85 4.28
C VAL A 345 4.49 16.31 3.61
N VAL A 346 4.50 15.00 3.44
CA VAL A 346 5.65 14.37 2.74
C VAL A 346 5.27 14.14 1.26
N TRP A 347 5.96 14.76 0.30
CA TRP A 347 5.69 14.67 -1.12
C TRP A 347 6.41 13.52 -1.77
N CYS A 348 5.74 12.80 -2.67
CA CYS A 348 6.54 11.72 -3.32
C CYS A 348 6.93 12.21 -4.72
N ALA A 349 8.22 12.21 -4.99
CA ALA A 349 9.03 12.57 -6.12
C ALA A 349 9.44 11.35 -6.92
N VAL A 350 9.23 11.50 -8.23
CA VAL A 350 9.47 10.43 -9.24
C VAL A 350 10.71 10.86 -10.01
N GLY A 351 11.85 10.33 -9.62
CA GLY A 351 13.15 10.64 -10.21
C GLY A 351 13.94 11.71 -9.44
N GLU A 352 15.25 11.69 -9.70
CA GLU A 352 16.15 12.66 -9.07
C GLU A 352 15.77 14.11 -9.29
N GLN A 353 15.43 14.46 -10.52
CA GLN A 353 15.07 15.82 -10.97
C GLN A 353 13.82 16.23 -10.23
N GLU A 354 12.79 15.39 -10.11
CA GLU A 354 11.68 15.85 -9.28
C GLU A 354 12.14 16.00 -7.81
N LEU A 355 13.04 15.15 -7.26
CA LEU A 355 13.49 15.29 -5.85
C LEU A 355 14.16 16.64 -5.54
N ARG A 356 15.08 16.98 -6.43
CA ARG A 356 15.81 18.25 -6.46
C ARG A 356 14.74 19.31 -6.38
N LYS A 357 13.79 19.35 -7.30
CA LYS A 357 12.80 20.45 -7.18
C LYS A 357 12.11 20.37 -5.84
N CYS A 358 11.71 19.16 -5.40
CA CYS A 358 10.98 19.01 -4.11
C CYS A 358 11.81 19.56 -2.92
N ASN A 359 13.09 19.19 -2.89
CA ASN A 359 14.08 19.73 -1.90
C ASN A 359 13.98 21.26 -1.88
N GLN A 360 14.10 21.89 -3.05
CA GLN A 360 13.97 23.35 -3.22
C GLN A 360 12.78 23.92 -2.46
N TRP A 361 11.65 23.29 -2.73
CA TRP A 361 10.33 23.65 -2.16
C TRP A 361 10.26 23.44 -0.66
N SER A 362 10.93 22.39 -0.22
CA SER A 362 11.00 21.92 1.17
C SER A 362 11.54 23.01 2.08
N GLY A 363 12.73 23.52 1.75
CA GLY A 363 13.38 24.60 2.49
C GLY A 363 12.58 25.90 2.55
N LEU A 364 11.70 26.18 1.62
CA LEU A 364 10.94 27.44 1.60
C LEU A 364 9.57 27.28 2.21
N SER A 365 9.31 26.08 2.78
CA SER A 365 7.97 25.83 3.31
C SER A 365 7.75 26.12 4.78
N GLU A 366 8.72 26.57 5.53
CA GLU A 366 8.53 26.84 6.97
C GLU A 366 7.93 25.66 7.68
N GLY A 367 8.56 24.54 7.48
CA GLY A 367 8.37 23.20 7.91
C GLY A 367 7.18 22.39 7.51
N SER A 368 6.34 22.82 6.61
CA SER A 368 5.15 22.04 6.19
C SER A 368 5.48 21.00 5.12
N VAL A 369 6.47 21.17 4.28
CA VAL A 369 6.73 20.16 3.25
C VAL A 369 8.09 19.51 3.35
N THR A 370 7.96 18.19 3.15
CA THR A 370 9.20 17.35 3.13
C THR A 370 9.05 16.42 1.93
N CYS A 371 10.09 15.84 1.42
CA CYS A 371 10.30 14.95 0.34
C CYS A 371 10.71 13.50 0.67
N SER A 372 10.09 12.65 -0.12
CA SER A 372 10.29 11.21 -0.13
C SER A 372 10.52 10.92 -1.61
N SER A 373 11.03 9.82 -2.08
CA SER A 373 11.19 9.71 -3.52
C SER A 373 11.24 8.22 -3.88
N ALA A 374 11.05 7.94 -5.15
CA ALA A 374 11.06 6.57 -5.73
C ALA A 374 11.34 6.83 -7.22
N SER A 375 11.62 5.77 -7.93
CA SER A 375 11.91 5.91 -9.36
C SER A 375 10.71 5.53 -10.24
N THR A 376 9.60 5.06 -9.72
CA THR A 376 8.38 4.84 -10.53
C THR A 376 7.23 5.47 -9.78
N THR A 377 6.16 5.80 -10.48
CA THR A 377 4.95 6.37 -9.85
C THR A 377 4.31 5.30 -8.95
N GLU A 378 4.30 4.06 -9.40
CA GLU A 378 3.76 2.89 -8.73
C GLU A 378 4.45 2.77 -7.38
N ASP A 379 5.74 2.86 -7.29
CA ASP A 379 6.58 2.80 -6.08
C ASP A 379 6.18 4.00 -5.20
N CYS A 380 5.81 5.15 -5.77
CA CYS A 380 5.45 6.26 -4.88
C CYS A 380 4.10 5.97 -4.27
N ILE A 381 3.23 5.34 -5.05
CA ILE A 381 1.86 5.04 -4.48
C ILE A 381 2.03 4.02 -3.33
N ALA A 382 2.94 3.07 -3.45
CA ALA A 382 3.25 2.06 -2.43
C ALA A 382 3.72 2.79 -1.15
N LEU A 383 4.63 3.75 -1.28
CA LEU A 383 5.10 4.60 -0.21
C LEU A 383 3.90 5.33 0.42
N VAL A 384 2.92 5.82 -0.28
CA VAL A 384 1.82 6.52 0.38
C VAL A 384 0.96 5.51 1.11
N LEU A 385 1.00 4.31 0.57
CA LEU A 385 0.22 3.24 1.22
C LEU A 385 0.89 2.92 2.57
N LYS A 386 2.18 2.75 2.65
CA LYS A 386 2.88 2.49 3.92
C LYS A 386 2.94 3.69 4.87
N GLY A 387 2.29 4.79 4.54
CA GLY A 387 2.21 6.03 5.32
C GLY A 387 3.53 6.78 5.29
N GLU A 388 4.47 6.22 4.59
CA GLU A 388 5.82 6.74 4.42
C GLU A 388 6.00 7.95 3.52
N ALA A 389 4.94 8.30 2.83
CA ALA A 389 4.87 9.47 1.93
C ALA A 389 3.38 9.78 1.98
N ASP A 390 2.99 11.01 1.71
CA ASP A 390 1.55 11.32 1.76
C ASP A 390 0.98 11.68 0.38
N ALA A 391 1.77 12.27 -0.51
CA ALA A 391 1.11 12.76 -1.74
C ALA A 391 1.96 13.09 -2.95
N MET A 392 1.24 13.14 -4.07
CA MET A 392 1.77 13.45 -5.40
C MET A 392 0.62 13.79 -6.36
N SER A 393 0.96 14.51 -7.44
CA SER A 393 0.07 14.92 -8.51
C SER A 393 0.07 13.73 -9.49
N LEU A 394 -1.11 13.33 -9.93
CA LEU A 394 -1.10 12.19 -10.87
C LEU A 394 -1.98 12.35 -12.12
N ASP A 395 -1.53 11.72 -13.18
CA ASP A 395 -2.26 11.60 -14.46
C ASP A 395 -3.51 10.78 -14.12
N GLY A 396 -4.62 10.90 -14.82
CA GLY A 396 -5.87 10.19 -14.52
C GLY A 396 -5.72 8.68 -14.59
N GLY A 397 -4.75 8.17 -15.31
CA GLY A 397 -4.40 6.77 -15.53
C GLY A 397 -4.02 6.14 -14.19
N TYR A 398 -3.13 6.84 -13.54
CA TYR A 398 -2.57 6.52 -12.21
C TYR A 398 -3.57 6.86 -11.12
N VAL A 399 -4.47 7.79 -11.22
CA VAL A 399 -5.47 8.07 -10.17
C VAL A 399 -6.34 6.79 -10.16
N TYR A 400 -6.41 5.98 -11.21
CA TYR A 400 -7.27 4.78 -11.27
C TYR A 400 -6.67 3.72 -10.34
N THR A 401 -5.40 3.44 -10.56
CA THR A 401 -4.57 2.56 -9.77
C THR A 401 -4.54 3.05 -8.34
N ALA A 402 -4.30 4.31 -8.07
CA ALA A 402 -4.29 4.84 -6.71
C ALA A 402 -5.65 4.64 -6.06
N GLY A 403 -6.72 4.86 -6.78
CA GLY A 403 -8.09 4.75 -6.23
C GLY A 403 -8.36 3.26 -5.98
N LYS A 404 -7.94 2.38 -6.88
CA LYS A 404 -8.11 0.93 -6.64
C LYS A 404 -7.44 0.56 -5.32
N CYS A 405 -6.40 1.30 -4.96
CA CYS A 405 -5.59 1.18 -3.79
C CYS A 405 -6.27 1.96 -2.67
N GLY A 406 -7.46 2.48 -2.81
CA GLY A 406 -8.05 3.18 -1.67
C GLY A 406 -7.64 4.63 -1.42
N LEU A 407 -6.80 5.20 -2.27
CA LEU A 407 -6.34 6.62 -2.16
C LEU A 407 -7.44 7.53 -2.73
N VAL A 408 -7.43 8.80 -2.39
CA VAL A 408 -8.39 9.75 -2.90
C VAL A 408 -7.82 11.02 -3.53
N PRO A 409 -8.53 11.52 -4.55
CA PRO A 409 -8.14 12.74 -5.25
C PRO A 409 -8.40 13.91 -4.33
N VAL A 410 -7.48 14.86 -4.10
CA VAL A 410 -7.88 15.97 -3.22
C VAL A 410 -8.06 17.34 -3.90
N LEU A 411 -7.18 17.72 -4.82
CA LEU A 411 -7.24 19.02 -5.51
C LEU A 411 -6.75 18.65 -6.92
N ALA A 412 -7.26 19.40 -7.89
CA ALA A 412 -6.88 19.08 -9.29
C ALA A 412 -5.99 20.11 -9.93
N GLU A 413 -5.11 19.73 -10.82
CA GLU A 413 -4.38 20.86 -11.50
C GLU A 413 -5.38 21.54 -12.46
N ASN A 414 -5.64 22.84 -12.30
CA ASN A 414 -6.49 23.69 -13.14
C ASN A 414 -5.67 24.25 -14.32
N TYR A 415 -6.26 24.33 -15.52
CA TYR A 415 -5.48 24.85 -16.67
C TYR A 415 -6.34 25.96 -17.26
N LYS A 416 -5.78 26.77 -18.09
CA LYS A 416 -6.50 27.85 -18.81
C LYS A 416 -7.88 27.29 -19.15
N SER A 417 -8.90 28.12 -19.33
CA SER A 417 -10.25 27.59 -19.60
C SER A 417 -10.72 27.66 -21.04
N ALA A 418 -12.00 27.32 -21.21
CA ALA A 418 -12.73 27.36 -22.49
C ALA A 418 -12.83 28.84 -22.91
N GLN A 419 -11.86 29.59 -22.39
CA GLN A 419 -11.59 31.00 -22.51
C GLN A 419 -12.72 31.76 -21.80
N SER A 420 -12.82 31.55 -20.51
CA SER A 420 -13.83 32.25 -19.68
C SER A 420 -13.09 33.47 -19.06
N SER A 421 -12.47 33.09 -17.98
CA SER A 421 -11.62 33.71 -17.00
C SER A 421 -10.42 34.45 -17.60
N ASP A 422 -9.99 35.48 -16.92
CA ASP A 422 -8.79 36.25 -17.42
C ASP A 422 -7.72 35.62 -16.53
N PRO A 423 -6.78 36.40 -16.07
CA PRO A 423 -5.75 35.95 -15.11
C PRO A 423 -6.45 35.84 -13.73
N ASP A 424 -7.33 34.86 -13.75
CA ASP A 424 -8.32 34.37 -12.84
C ASP A 424 -8.03 34.33 -11.36
N PRO A 425 -8.68 35.22 -10.62
CA PRO A 425 -8.54 35.30 -9.16
C PRO A 425 -9.39 34.23 -8.52
N ASN A 426 -10.24 33.60 -9.30
CA ASN A 426 -11.07 32.54 -8.67
C ASN A 426 -10.78 31.16 -9.24
N CYS A 427 -9.50 30.95 -9.55
CA CYS A 427 -9.03 29.70 -10.13
C CYS A 427 -9.18 28.49 -9.20
N VAL A 428 -9.12 28.66 -7.89
CA VAL A 428 -9.30 27.56 -6.94
C VAL A 428 -10.74 27.10 -6.99
N ASP A 429 -11.69 27.88 -7.45
CA ASP A 429 -13.07 27.34 -7.41
C ASP A 429 -13.62 27.15 -8.81
N ARG A 430 -12.77 27.44 -9.79
CA ARG A 430 -13.21 27.28 -11.18
C ARG A 430 -13.13 25.81 -11.58
N PRO A 431 -14.26 25.18 -11.77
CA PRO A 431 -14.33 23.75 -12.15
C PRO A 431 -13.42 23.47 -13.34
N VAL A 432 -12.87 22.26 -13.28
CA VAL A 432 -11.91 21.72 -14.22
C VAL A 432 -12.67 21.29 -15.47
N GLU A 433 -11.94 21.48 -16.55
CA GLU A 433 -12.49 21.14 -17.86
C GLU A 433 -11.84 20.01 -18.62
N GLY A 434 -10.87 19.29 -18.14
CA GLY A 434 -10.32 18.17 -18.97
C GLY A 434 -9.25 18.76 -19.84
N TYR A 435 -8.37 18.16 -20.52
CA TYR A 435 -7.34 18.63 -21.42
C TYR A 435 -7.60 17.80 -22.70
N LEU A 436 -7.01 18.08 -23.84
CA LEU A 436 -7.43 17.25 -25.02
C LEU A 436 -6.35 16.27 -25.36
N ALA A 437 -6.72 15.03 -25.56
CA ALA A 437 -5.70 14.01 -25.95
C ALA A 437 -5.61 14.03 -27.47
N VAL A 438 -4.38 14.25 -27.95
CA VAL A 438 -4.20 14.33 -29.40
C VAL A 438 -3.08 13.38 -29.86
N ALA A 439 -3.12 13.16 -31.20
CA ALA A 439 -2.22 12.36 -32.02
C ALA A 439 -1.56 13.37 -32.94
N VAL A 440 -0.33 13.67 -32.80
CA VAL A 440 0.49 14.60 -33.55
C VAL A 440 1.46 13.85 -34.49
N VAL A 441 1.64 14.52 -35.62
CA VAL A 441 2.51 14.07 -36.71
C VAL A 441 3.14 15.29 -37.37
N ARG A 442 4.19 15.05 -38.11
CA ARG A 442 4.87 16.04 -38.94
C ARG A 442 3.94 16.24 -40.16
N ARG A 443 3.86 17.53 -40.54
CA ARG A 443 3.04 17.97 -41.70
C ARG A 443 3.46 17.28 -43.00
N SER A 444 4.77 17.08 -43.11
CA SER A 444 5.36 16.43 -44.31
C SER A 444 4.75 15.08 -44.66
N ASP A 445 4.39 14.38 -43.60
CA ASP A 445 3.84 13.01 -43.66
C ASP A 445 2.43 12.98 -44.21
N THR A 446 2.25 13.65 -45.31
CA THR A 446 0.96 13.86 -45.98
C THR A 446 -0.06 12.76 -45.96
N SER A 447 0.46 11.54 -46.00
CA SER A 447 -0.29 10.29 -46.05
C SER A 447 -0.71 9.58 -44.78
N LEU A 448 -0.15 10.08 -43.69
CA LEU A 448 -0.39 9.52 -42.36
C LEU A 448 -1.80 9.94 -41.94
N THR A 449 -2.72 9.05 -41.67
CA THR A 449 -3.99 9.48 -41.09
C THR A 449 -4.26 8.52 -39.91
N TRP A 450 -5.39 8.71 -39.24
CA TRP A 450 -5.73 7.79 -38.13
C TRP A 450 -5.81 6.36 -38.69
N ASN A 451 -6.54 6.27 -39.78
CA ASN A 451 -6.81 5.04 -40.51
C ASN A 451 -5.56 4.22 -40.82
N SER A 452 -4.43 4.85 -41.01
CA SER A 452 -3.21 4.07 -41.26
C SER A 452 -2.01 4.38 -40.35
N VAL A 453 -2.32 4.54 -39.08
CA VAL A 453 -1.29 4.83 -38.02
C VAL A 453 -0.61 3.51 -37.59
N LYS A 454 -1.41 2.46 -37.57
CA LYS A 454 -1.06 1.12 -37.14
C LYS A 454 0.16 0.58 -37.86
N GLY A 455 1.01 -0.06 -37.08
CA GLY A 455 2.22 -0.64 -37.73
C GLY A 455 3.33 0.35 -37.90
N LYS A 456 3.08 1.58 -37.49
CA LYS A 456 4.11 2.65 -37.60
C LYS A 456 4.90 2.73 -36.28
N LYS A 457 5.67 3.81 -36.22
CA LYS A 457 6.47 4.03 -34.99
C LYS A 457 5.71 5.07 -34.15
N SER A 458 5.53 4.76 -32.89
CA SER A 458 4.81 5.62 -31.94
C SER A 458 5.64 6.07 -30.77
N CYS A 459 5.28 7.18 -30.19
CA CYS A 459 5.94 7.80 -29.02
C CYS A 459 4.84 7.98 -27.96
N HIS A 460 5.01 7.43 -26.76
CA HIS A 460 3.95 7.57 -25.74
C HIS A 460 4.54 8.21 -24.48
N THR A 461 3.73 8.96 -23.78
CA THR A 461 4.15 9.70 -22.58
C THR A 461 4.70 8.65 -21.65
N ALA A 462 3.93 7.58 -21.54
CA ALA A 462 4.29 6.41 -20.71
C ALA A 462 3.06 5.48 -20.75
N VAL A 463 3.37 4.22 -20.45
CA VAL A 463 2.32 3.19 -20.34
C VAL A 463 1.40 3.55 -19.15
N ASP A 464 0.09 3.49 -19.35
CA ASP A 464 -0.92 3.74 -18.38
C ASP A 464 -1.26 5.16 -18.08
N ARG A 465 -0.85 6.12 -18.84
CA ARG A 465 -1.21 7.59 -18.73
C ARG A 465 -2.34 7.76 -19.74
N THR A 466 -3.19 8.73 -19.54
CA THR A 466 -4.33 9.03 -20.41
C THR A 466 -3.98 9.33 -21.87
N ALA A 467 -3.34 10.51 -22.02
CA ALA A 467 -3.11 10.82 -23.46
C ALA A 467 -2.21 9.83 -24.11
N GLY A 468 -1.15 9.48 -23.40
CA GLY A 468 -0.04 8.64 -23.86
C GLY A 468 -0.31 7.15 -24.09
N TRP A 469 -1.34 6.64 -23.39
CA TRP A 469 -1.64 5.21 -23.54
C TRP A 469 -3.10 4.83 -23.48
N ASN A 470 -3.86 5.06 -22.43
CA ASN A 470 -5.25 4.63 -22.31
C ASN A 470 -6.20 4.94 -23.48
N ILE A 471 -6.20 6.19 -23.95
CA ILE A 471 -6.95 6.74 -25.08
C ILE A 471 -6.51 6.17 -26.42
N PRO A 472 -5.27 6.32 -26.89
CA PRO A 472 -4.84 5.73 -28.13
C PRO A 472 -5.03 4.21 -28.19
N MET A 473 -4.55 3.43 -27.26
CA MET A 473 -4.59 1.99 -27.10
C MET A 473 -6.03 1.54 -26.85
N GLY A 474 -6.76 2.28 -26.07
CA GLY A 474 -8.18 1.99 -25.87
C GLY A 474 -8.96 2.01 -27.18
N LEU A 475 -8.86 3.07 -27.97
CA LEU A 475 -9.55 3.21 -29.26
C LEU A 475 -9.15 2.07 -30.19
N LEU A 476 -7.89 1.76 -30.29
CA LEU A 476 -7.29 0.70 -31.08
C LEU A 476 -7.74 -0.70 -30.61
N PHE A 477 -7.88 -0.84 -29.32
CA PHE A 477 -8.23 -2.12 -28.69
C PHE A 477 -9.65 -2.50 -29.07
N ASN A 478 -10.38 -1.42 -29.16
CA ASN A 478 -11.83 -1.45 -29.46
C ASN A 478 -12.02 -1.87 -30.91
N GLN A 479 -11.00 -1.87 -31.75
CA GLN A 479 -11.21 -2.31 -33.14
C GLN A 479 -10.89 -3.78 -33.42
N THR A 480 -10.11 -4.45 -32.62
CA THR A 480 -9.69 -5.83 -32.89
C THR A 480 -9.66 -6.70 -31.64
N GLY A 481 -9.98 -6.12 -30.51
CA GLY A 481 -9.96 -6.85 -29.26
C GLY A 481 -8.64 -7.62 -29.08
N SER A 482 -7.57 -7.19 -29.73
CA SER A 482 -6.32 -7.96 -29.45
C SER A 482 -5.68 -7.35 -28.21
N CYS A 483 -5.09 -8.13 -27.36
CA CYS A 483 -4.42 -7.75 -26.11
C CYS A 483 -2.89 -7.66 -26.33
N LYS A 484 -2.50 -8.00 -27.59
CA LYS A 484 -1.09 -7.98 -27.95
C LYS A 484 -0.68 -6.55 -28.33
N PHE A 485 -0.66 -5.80 -27.23
CA PHE A 485 -0.31 -4.39 -27.35
C PHE A 485 1.07 -4.17 -27.96
N ASP A 486 2.04 -5.04 -27.90
CA ASP A 486 3.35 -4.72 -28.49
C ASP A 486 3.37 -4.97 -30.00
N GLU A 487 2.21 -5.25 -30.54
CA GLU A 487 2.06 -5.46 -31.97
C GLU A 487 1.21 -4.35 -32.60
N TYR A 488 0.68 -3.37 -31.90
CA TYR A 488 -0.08 -2.29 -32.51
C TYR A 488 0.78 -1.43 -33.45
N PHE A 489 2.07 -1.35 -33.13
CA PHE A 489 3.02 -0.52 -33.88
C PHE A 489 4.34 -1.24 -34.08
N SER A 490 5.00 -1.01 -35.20
CA SER A 490 6.29 -1.68 -35.43
C SER A 490 7.23 -1.40 -34.26
N GLN A 491 7.47 -0.15 -33.92
CA GLN A 491 8.40 0.17 -32.81
C GLN A 491 7.88 1.36 -32.01
N SER A 492 8.31 1.43 -30.76
CA SER A 492 7.83 2.56 -29.95
C SER A 492 8.80 2.91 -28.85
N CYS A 493 8.40 3.95 -28.17
CA CYS A 493 8.96 4.51 -26.95
C CYS A 493 7.67 4.76 -26.08
N ALA A 494 7.44 3.76 -25.25
CA ALA A 494 6.39 3.67 -24.24
C ALA A 494 7.02 3.30 -22.88
N PRO A 495 7.58 4.33 -22.22
CA PRO A 495 8.25 4.20 -20.94
C PRO A 495 7.39 3.38 -19.96
N GLY A 496 8.12 2.47 -19.27
CA GLY A 496 7.50 1.60 -18.26
C GLY A 496 7.12 0.23 -18.77
N SER A 497 7.56 -0.11 -19.93
CA SER A 497 7.30 -1.38 -20.61
C SER A 497 8.61 -2.20 -20.47
N ASP A 498 8.66 -3.40 -21.01
CA ASP A 498 9.88 -4.24 -20.95
C ASP A 498 10.86 -3.71 -21.99
N PRO A 499 12.01 -3.35 -21.48
CA PRO A 499 13.06 -2.77 -22.31
C PRO A 499 13.53 -3.71 -23.38
N ALA A 500 13.14 -4.96 -23.31
CA ALA A 500 13.56 -6.00 -24.29
C ALA A 500 12.54 -6.12 -25.42
N SER A 501 11.42 -5.49 -25.16
CA SER A 501 10.25 -5.29 -25.98
C SER A 501 10.37 -4.16 -27.04
N ASN A 502 9.51 -4.33 -28.01
CA ASN A 502 9.33 -3.46 -29.18
C ASN A 502 8.90 -2.10 -28.64
N LEU A 503 8.11 -2.21 -27.57
CA LEU A 503 7.54 -1.05 -26.90
C LEU A 503 8.60 -0.13 -26.37
N CYS A 504 9.83 -0.56 -26.38
CA CYS A 504 10.88 0.31 -25.80
C CYS A 504 11.94 0.51 -26.89
N ALA A 505 11.80 -0.01 -28.10
CA ALA A 505 12.95 0.22 -29.01
C ALA A 505 13.36 1.62 -29.37
N LEU A 506 12.54 2.64 -29.25
CA LEU A 506 12.85 4.02 -29.62
C LEU A 506 13.21 4.84 -28.38
N CYS A 507 13.18 4.25 -27.20
CA CYS A 507 13.54 5.13 -26.04
C CYS A 507 15.07 5.32 -26.10
N ILE A 508 15.53 6.50 -25.75
CA ILE A 508 16.97 6.77 -25.85
C ILE A 508 17.66 6.91 -24.50
N GLY A 509 16.96 6.85 -23.40
CA GLY A 509 17.62 6.92 -22.09
C GLY A 509 18.03 8.32 -21.73
N ASP A 510 18.79 8.43 -20.66
CA ASP A 510 19.23 9.76 -20.18
C ASP A 510 20.43 10.15 -21.07
N GLU A 511 20.90 11.32 -20.70
CA GLU A 511 22.01 12.05 -21.30
C GLU A 511 23.28 11.26 -21.52
N GLU A 512 23.42 10.14 -20.85
CA GLU A 512 24.56 9.24 -20.93
C GLU A 512 24.22 7.94 -21.62
N GLY A 513 22.97 7.69 -21.87
CA GLY A 513 22.38 6.54 -22.57
C GLY A 513 21.96 5.39 -21.67
N GLU A 514 21.84 5.65 -20.39
CA GLU A 514 21.39 4.66 -19.40
C GLU A 514 19.93 5.06 -19.13
N ASN A 515 19.28 4.35 -18.23
CA ASN A 515 17.88 4.60 -17.86
C ASN A 515 16.89 4.43 -19.01
N LYS A 516 17.24 3.67 -20.04
CA LYS A 516 16.34 3.48 -21.18
C LYS A 516 15.01 2.90 -20.69
N CYS A 517 13.97 3.46 -21.27
CA CYS A 517 12.59 3.11 -21.06
C CYS A 517 12.09 3.16 -19.63
N VAL A 518 12.84 3.85 -18.78
CA VAL A 518 12.35 3.92 -17.38
C VAL A 518 11.21 4.93 -17.38
N PRO A 519 10.23 4.72 -16.53
CA PRO A 519 9.10 5.61 -16.43
C PRO A 519 9.37 6.78 -15.52
N ASN A 520 10.40 7.56 -15.79
CA ASN A 520 10.60 8.84 -15.06
C ASN A 520 11.41 9.72 -16.01
N SER A 521 11.48 10.96 -15.56
CA SER A 521 12.20 12.01 -16.29
C SER A 521 13.63 11.74 -16.67
N ASN A 522 14.31 10.69 -16.32
CA ASN A 522 15.71 10.46 -16.77
C ASN A 522 15.70 9.98 -18.22
N GLU A 523 14.50 9.51 -18.60
CA GLU A 523 14.38 9.06 -20.02
C GLU A 523 13.91 10.32 -20.73
N ARG A 524 14.76 10.77 -21.62
CA ARG A 524 14.62 11.97 -22.46
C ARG A 524 13.30 11.83 -23.20
N TYR A 525 12.87 10.61 -23.54
CA TYR A 525 11.57 10.49 -24.22
C TYR A 525 10.33 10.29 -23.34
N TYR A 526 10.42 10.62 -22.06
CA TYR A 526 9.32 10.44 -21.11
C TYR A 526 8.35 11.62 -21.04
N GLY A 527 7.11 11.35 -20.68
CA GLY A 527 6.08 12.35 -20.46
C GLY A 527 5.81 13.03 -21.82
N TYR A 528 5.03 14.09 -21.72
CA TYR A 528 4.51 15.01 -22.70
C TYR A 528 5.64 15.62 -23.49
N THR A 529 6.53 16.34 -22.82
CA THR A 529 7.66 16.97 -23.51
C THR A 529 8.50 15.95 -24.22
N GLY A 530 8.75 14.84 -23.55
CA GLY A 530 9.53 13.72 -24.13
C GLY A 530 8.77 13.00 -25.25
N ALA A 531 7.46 12.71 -25.18
CA ALA A 531 6.86 11.99 -26.32
C ALA A 531 6.88 12.96 -27.52
N PHE A 532 6.78 14.25 -27.33
CA PHE A 532 6.80 15.25 -28.43
C PHE A 532 8.18 15.27 -29.08
N ARG A 533 9.14 15.29 -28.16
CA ARG A 533 10.57 15.24 -28.52
C ARG A 533 10.83 14.06 -29.44
N CYS A 534 10.23 12.91 -29.14
CA CYS A 534 10.41 11.62 -29.88
C CYS A 534 9.97 11.78 -31.33
N LEU A 535 8.99 12.64 -31.53
CA LEU A 535 8.44 13.00 -32.84
C LEU A 535 9.38 13.93 -33.64
N ALA A 536 9.63 15.05 -33.00
CA ALA A 536 10.47 16.12 -33.57
C ALA A 536 11.86 15.62 -33.87
N GLU A 537 12.35 14.54 -33.28
CA GLU A 537 13.70 14.01 -33.54
C GLU A 537 13.66 12.84 -34.53
N ASN A 538 12.50 12.67 -35.14
CA ASN A 538 12.17 11.66 -36.13
C ASN A 538 12.27 10.21 -35.63
N ALA A 539 12.31 9.99 -34.32
CA ALA A 539 12.38 8.58 -33.88
C ALA A 539 11.07 7.89 -34.24
N GLY A 540 9.98 8.53 -33.85
CA GLY A 540 8.63 7.98 -34.08
C GLY A 540 7.90 8.73 -35.21
N ASP A 541 6.72 8.21 -35.56
CA ASP A 541 5.87 8.77 -36.54
C ASP A 541 4.62 9.44 -35.97
N VAL A 542 4.22 9.19 -34.75
CA VAL A 542 3.03 9.79 -34.12
C VAL A 542 3.46 9.90 -32.64
N ALA A 543 3.04 10.95 -31.99
CA ALA A 543 3.29 11.21 -30.58
C ALA A 543 1.86 11.38 -30.04
N PHE A 544 1.57 10.65 -28.99
CA PHE A 544 0.31 10.71 -28.21
C PHE A 544 0.61 11.54 -26.95
N VAL A 545 0.21 12.79 -27.04
CA VAL A 545 0.39 13.90 -26.07
C VAL A 545 -0.90 14.73 -26.02
N LYS A 546 -0.79 15.92 -25.47
CA LYS A 546 -1.91 16.87 -25.34
C LYS A 546 -1.63 18.05 -26.29
N ASP A 547 -2.69 18.82 -26.60
CA ASP A 547 -2.41 19.94 -27.55
C ASP A 547 -1.50 21.02 -27.02
N VAL A 548 -1.63 21.46 -25.81
CA VAL A 548 -0.68 22.54 -25.39
C VAL A 548 0.74 22.06 -25.43
N THR A 549 1.02 20.79 -25.58
CA THR A 549 2.40 20.27 -25.60
C THR A 549 3.21 20.87 -26.75
N VAL A 550 2.65 20.93 -27.93
CA VAL A 550 3.18 21.41 -29.22
C VAL A 550 3.31 22.92 -29.08
N LEU A 551 2.19 23.58 -28.77
CA LEU A 551 2.29 25.04 -28.51
C LEU A 551 3.56 25.30 -27.69
N GLN A 552 3.65 24.79 -26.48
CA GLN A 552 4.78 24.92 -25.57
C GLN A 552 6.19 24.58 -26.06
N ASN A 553 6.38 23.78 -27.10
CA ASN A 553 7.74 23.37 -27.48
C ASN A 553 8.03 23.80 -28.90
N THR A 554 7.34 24.83 -29.32
CA THR A 554 7.61 25.33 -30.69
C THR A 554 7.54 26.85 -30.62
N ASP A 555 8.05 27.52 -31.65
CA ASP A 555 8.01 28.98 -31.83
C ASP A 555 8.81 29.73 -30.77
N GLY A 556 9.93 29.14 -30.45
CA GLY A 556 10.80 29.68 -29.39
C GLY A 556 10.02 29.76 -28.10
N ASN A 557 9.40 28.66 -27.69
CA ASN A 557 8.66 28.66 -26.41
C ASN A 557 9.51 27.78 -25.49
N ASN A 558 10.48 27.11 -26.05
CA ASN A 558 11.42 26.16 -25.47
C ASN A 558 12.73 26.23 -26.27
N ASN A 559 13.63 26.96 -25.61
CA ASN A 559 14.97 27.22 -26.14
C ASN A 559 15.89 26.02 -26.11
N GLU A 560 15.51 24.95 -25.46
CA GLU A 560 16.44 23.80 -25.40
C GLU A 560 16.81 23.42 -26.82
N ALA A 561 18.01 23.01 -27.05
CA ALA A 561 18.71 22.61 -28.24
C ALA A 561 17.84 21.94 -29.30
N TRP A 562 17.15 20.92 -28.81
CA TRP A 562 16.31 20.08 -29.69
C TRP A 562 15.06 20.87 -30.09
N ALA A 563 14.67 21.78 -29.22
CA ALA A 563 13.43 22.52 -29.50
C ALA A 563 13.50 23.82 -30.24
N LYS A 564 14.52 24.58 -29.94
CA LYS A 564 14.86 25.93 -30.37
C LYS A 564 14.17 26.43 -31.64
N ASP A 565 14.42 25.72 -32.71
CA ASP A 565 13.99 25.85 -34.08
C ASP A 565 12.71 25.15 -34.50
N LEU A 566 11.82 24.69 -33.64
CA LEU A 566 10.59 24.04 -34.11
C LEU A 566 9.49 25.09 -34.26
N LYS A 567 8.80 25.02 -35.40
CA LYS A 567 7.69 25.89 -35.74
C LYS A 567 6.42 25.07 -35.74
N LEU A 568 5.40 25.64 -35.14
CA LEU A 568 4.08 25.06 -35.06
C LEU A 568 3.59 24.54 -36.41
N ALA A 569 3.72 25.38 -37.41
CA ALA A 569 3.21 25.03 -38.75
C ALA A 569 3.78 23.69 -39.22
N ASP A 570 4.85 23.17 -38.59
CA ASP A 570 5.31 21.87 -39.06
C ASP A 570 4.60 20.62 -38.57
N PHE A 571 3.71 20.72 -37.64
CA PHE A 571 3.07 19.51 -37.03
C PHE A 571 1.59 19.54 -37.34
N ALA A 572 0.93 18.41 -37.41
CA ALA A 572 -0.52 18.45 -37.69
C ALA A 572 -1.09 17.41 -36.73
N LEU A 573 -2.39 17.34 -36.63
CA LEU A 573 -3.20 16.44 -35.87
C LEU A 573 -3.97 15.47 -36.80
N LEU A 574 -4.14 14.29 -36.18
CA LEU A 574 -4.89 13.20 -36.84
C LEU A 574 -6.30 13.21 -36.26
N CYS A 575 -7.31 13.31 -37.11
CA CYS A 575 -8.65 13.24 -36.50
C CYS A 575 -9.15 11.82 -36.80
N LEU A 576 -10.15 11.46 -36.03
CA LEU A 576 -10.78 10.15 -36.03
C LEU A 576 -11.59 10.02 -37.30
N ASP A 577 -11.77 11.02 -38.11
CA ASP A 577 -12.57 10.95 -39.32
C ASP A 577 -11.70 10.78 -40.56
N GLY A 578 -10.40 10.72 -40.39
CA GLY A 578 -9.53 10.45 -41.55
C GLY A 578 -8.69 11.67 -41.83
N LYS A 579 -9.31 12.75 -41.45
CA LYS A 579 -8.73 14.09 -41.64
C LYS A 579 -7.51 14.37 -40.80
N ARG A 580 -6.75 15.40 -41.11
CA ARG A 580 -5.58 15.96 -40.43
C ARG A 580 -5.88 17.46 -40.26
N LYS A 581 -5.57 18.06 -39.12
CA LYS A 581 -5.86 19.48 -38.92
C LYS A 581 -4.67 20.12 -38.22
N PRO A 582 -4.65 21.45 -38.35
CA PRO A 582 -3.53 22.18 -37.72
C PRO A 582 -3.72 22.06 -36.20
N VAL A 583 -2.65 22.20 -35.46
CA VAL A 583 -2.70 22.11 -34.00
C VAL A 583 -3.65 23.07 -33.29
N THR A 584 -3.91 24.19 -33.92
CA THR A 584 -4.86 25.16 -33.30
C THR A 584 -6.30 24.72 -33.36
N GLU A 585 -6.70 23.70 -34.11
CA GLU A 585 -8.09 23.23 -34.21
C GLU A 585 -8.27 21.87 -33.51
N ALA A 586 -7.40 21.70 -32.51
CA ALA A 586 -7.44 20.49 -31.66
C ALA A 586 -8.85 20.29 -31.12
N ARG A 587 -9.49 21.44 -30.84
CA ARG A 587 -10.86 21.36 -30.31
C ARG A 587 -11.81 20.64 -31.24
N SER A 588 -11.51 20.59 -32.55
CA SER A 588 -12.44 19.83 -33.42
C SER A 588 -11.67 18.66 -34.00
N CYS A 589 -10.47 18.40 -33.51
CA CYS A 589 -9.64 17.29 -33.99
C CYS A 589 -8.86 16.63 -32.86
N HIS A 590 -9.52 15.92 -31.97
CA HIS A 590 -8.86 15.24 -30.83
C HIS A 590 -9.40 13.85 -30.56
N LEU A 591 -8.60 13.03 -29.87
CA LEU A 591 -9.00 11.63 -29.58
C LEU A 591 -10.04 11.52 -28.48
N ALA A 592 -9.91 12.25 -27.42
CA ALA A 592 -10.82 12.25 -26.27
C ALA A 592 -10.38 13.37 -25.34
N MET A 593 -11.24 13.62 -24.39
CA MET A 593 -11.06 14.58 -23.30
C MET A 593 -10.50 13.75 -22.12
N ALA A 594 -9.43 14.20 -21.55
CA ALA A 594 -8.73 13.57 -20.42
C ALA A 594 -8.99 14.35 -19.14
N PRO A 595 -9.29 13.69 -18.00
CA PRO A 595 -9.52 14.31 -16.68
C PRO A 595 -8.17 14.89 -16.27
N ASN A 596 -8.24 16.01 -15.55
CA ASN A 596 -7.08 16.78 -15.11
C ASN A 596 -6.17 15.95 -14.15
N HIS A 597 -4.89 16.27 -14.26
CA HIS A 597 -3.93 15.60 -13.33
C HIS A 597 -4.51 16.06 -12.00
N ALA A 598 -4.61 15.18 -11.02
CA ALA A 598 -5.18 15.49 -9.69
C ALA A 598 -4.15 15.13 -8.60
N VAL A 599 -4.16 15.85 -7.47
CA VAL A 599 -3.22 15.38 -6.39
C VAL A 599 -3.98 14.37 -5.53
N VAL A 600 -3.35 13.22 -5.28
CA VAL A 600 -4.02 12.18 -4.42
C VAL A 600 -3.31 11.92 -3.08
N SER A 601 -4.13 11.46 -2.13
CA SER A 601 -3.61 11.18 -0.78
C SER A 601 -4.38 10.10 -0.01
N ARG A 602 -3.95 9.84 1.23
CA ARG A 602 -4.69 8.88 2.10
C ARG A 602 -5.89 9.61 2.67
N MET A 603 -6.93 8.89 3.09
CA MET A 603 -8.04 9.66 3.70
C MET A 603 -7.65 10.49 4.93
N ASP A 604 -6.78 10.08 5.83
CA ASP A 604 -6.35 10.79 7.03
C ASP A 604 -5.68 12.17 6.81
N LYS A 605 -5.16 12.42 5.62
CA LYS A 605 -4.38 13.63 5.36
C LYS A 605 -5.06 14.70 4.54
N VAL A 606 -6.19 14.43 3.97
CA VAL A 606 -7.02 15.24 3.06
C VAL A 606 -7.05 16.71 3.48
N GLU A 607 -7.75 16.96 4.58
CA GLU A 607 -7.92 18.30 5.17
C GLU A 607 -6.62 18.98 5.54
N ARG A 608 -5.60 18.31 6.08
CA ARG A 608 -4.36 19.06 6.35
C ARG A 608 -3.63 19.34 5.06
N LEU A 609 -3.72 18.48 4.07
CA LEU A 609 -3.09 18.57 2.74
C LEU A 609 -3.57 19.77 1.89
N LYS A 610 -4.88 19.88 2.03
CA LYS A 610 -5.64 20.94 1.37
C LYS A 610 -5.15 22.32 1.78
N GLN A 611 -4.96 22.51 3.06
CA GLN A 611 -4.50 23.72 3.73
C GLN A 611 -3.04 24.00 3.42
N VAL A 612 -2.17 23.03 3.53
CA VAL A 612 -0.77 23.31 3.21
C VAL A 612 -0.63 23.76 1.75
N LEU A 613 -1.41 23.09 0.88
CA LEU A 613 -1.38 23.34 -0.57
C LEU A 613 -1.85 24.72 -1.01
N LEU A 614 -2.96 25.16 -0.46
CA LEU A 614 -3.61 26.46 -0.68
C LEU A 614 -2.68 27.62 -0.28
N HIS A 615 -2.14 27.39 0.92
CA HIS A 615 -1.17 28.22 1.61
C HIS A 615 0.06 28.31 0.71
N GLN A 616 0.67 27.18 0.39
CA GLN A 616 1.87 27.12 -0.44
C GLN A 616 1.71 27.69 -1.83
N GLN A 617 0.52 27.66 -2.42
CA GLN A 617 0.37 28.20 -3.77
C GLN A 617 0.13 29.72 -3.76
N ALA A 618 -0.40 30.16 -2.64
CA ALA A 618 -0.74 31.58 -2.37
C ALA A 618 0.58 32.33 -2.42
N LYS A 619 1.58 31.59 -2.00
CA LYS A 619 2.96 32.08 -1.96
C LYS A 619 3.75 31.65 -3.18
N PHE A 620 3.64 30.42 -3.68
CA PHE A 620 4.52 30.06 -4.81
C PHE A 620 3.77 29.75 -6.12
N GLY A 621 2.52 30.09 -6.09
CA GLY A 621 1.61 29.96 -7.20
C GLY A 621 1.96 30.69 -8.50
N ARG A 622 1.07 30.54 -9.47
CA ARG A 622 1.23 31.08 -10.82
C ARG A 622 1.41 32.59 -10.68
N ASN A 623 0.52 33.11 -9.85
CA ASN A 623 0.58 34.57 -9.62
C ASN A 623 0.89 34.87 -8.18
N GLY A 624 1.66 34.02 -7.51
CA GLY A 624 2.00 34.07 -6.13
C GLY A 624 3.08 34.91 -5.53
N SER A 625 2.75 35.44 -4.36
CA SER A 625 3.64 36.28 -3.56
C SER A 625 5.12 36.03 -3.73
N ASP A 626 5.70 34.88 -3.96
CA ASP A 626 7.16 34.74 -4.01
C ASP A 626 7.69 34.24 -5.34
N CYS A 627 6.78 34.15 -6.26
CA CYS A 627 7.11 33.67 -7.62
C CYS A 627 7.07 34.90 -8.53
N PRO A 628 8.17 35.16 -9.20
CA PRO A 628 9.36 34.35 -9.25
C PRO A 628 10.57 34.83 -8.50
N ASP A 629 10.39 35.66 -7.49
CA ASP A 629 11.55 36.18 -6.74
C ASP A 629 12.33 35.06 -6.07
N LYS A 630 11.62 34.11 -5.50
CA LYS A 630 12.32 33.01 -4.81
C LYS A 630 12.11 31.60 -5.33
N PHE A 631 10.86 31.18 -5.48
CA PHE A 631 10.50 29.83 -5.94
C PHE A 631 9.17 29.84 -6.68
N CYS A 632 9.07 29.09 -7.77
CA CYS A 632 7.74 29.02 -8.45
C CYS A 632 7.32 27.54 -8.44
N LEU A 633 6.20 27.25 -7.76
CA LEU A 633 5.74 25.86 -7.69
C LEU A 633 5.57 25.11 -9.02
N PHE A 634 4.88 25.83 -9.88
CA PHE A 634 4.47 25.39 -11.21
C PHE A 634 5.44 25.69 -12.33
N GLN A 635 6.73 25.76 -12.03
CA GLN A 635 7.60 26.03 -13.22
C GLN A 635 8.82 25.16 -13.03
N SER A 636 9.28 24.64 -14.16
CA SER A 636 10.39 23.70 -14.29
C SER A 636 10.76 23.71 -15.79
N GLU A 637 10.19 24.75 -16.39
CA GLU A 637 10.36 25.02 -17.80
C GLU A 637 10.37 23.82 -18.75
N THR A 638 9.20 23.40 -19.23
CA THR A 638 9.13 22.31 -20.20
C THR A 638 9.33 20.96 -19.55
N LYS A 639 9.77 20.93 -18.32
CA LYS A 639 10.07 19.65 -17.65
C LYS A 639 8.84 19.03 -16.99
N ASN A 640 7.87 19.81 -16.51
CA ASN A 640 6.69 19.23 -15.83
C ASN A 640 7.08 18.36 -14.61
N LEU A 641 7.85 18.94 -13.72
CA LEU A 641 8.39 18.34 -12.51
C LEU A 641 7.40 18.64 -11.39
N LEU A 642 6.88 17.58 -10.82
CA LEU A 642 5.91 17.60 -9.70
C LEU A 642 4.51 17.97 -10.15
N PHE A 643 4.41 19.03 -10.93
CA PHE A 643 3.09 19.43 -11.45
C PHE A 643 3.33 19.77 -12.94
N ASN A 644 2.32 20.03 -13.72
CA ASN A 644 2.49 20.43 -15.12
C ASN A 644 2.81 21.97 -15.08
N ASP A 645 3.77 22.32 -15.91
CA ASP A 645 4.21 23.72 -15.97
C ASP A 645 3.05 24.66 -16.28
N ASN A 646 2.00 24.21 -16.92
CA ASN A 646 0.85 25.03 -17.26
C ASN A 646 -0.23 24.94 -16.21
N THR A 647 0.04 24.59 -14.99
CA THR A 647 -1.04 24.57 -13.95
C THR A 647 -1.31 26.03 -13.55
N GLU A 648 -2.57 26.44 -13.55
CA GLU A 648 -2.85 27.85 -13.19
C GLU A 648 -2.92 27.89 -11.66
N CYS A 649 -3.63 26.90 -11.16
CA CYS A 649 -3.79 26.61 -9.75
C CYS A 649 -4.25 25.15 -9.52
N LEU A 650 -4.32 24.81 -8.23
CA LEU A 650 -4.76 23.53 -7.68
C LEU A 650 -6.16 23.98 -7.23
N ALA A 651 -7.16 23.37 -7.79
CA ALA A 651 -8.54 23.73 -7.50
C ALA A 651 -9.25 22.58 -6.83
N ARG A 652 -10.41 22.85 -6.29
CA ARG A 652 -11.35 22.04 -5.53
C ARG A 652 -12.15 21.13 -6.42
N LEU A 653 -12.44 19.94 -5.96
CA LEU A 653 -13.13 18.87 -6.67
C LEU A 653 -14.63 18.94 -6.73
N HIS A 654 -15.31 19.74 -5.96
CA HIS A 654 -16.77 19.85 -6.09
C HIS A 654 -17.50 18.57 -5.84
N GLY A 655 -17.01 17.74 -4.94
CA GLY A 655 -17.87 16.54 -4.72
C GLY A 655 -17.31 15.28 -5.32
N LYS A 656 -16.58 15.38 -6.40
CA LYS A 656 -16.03 14.13 -6.97
C LYS A 656 -14.78 13.82 -6.15
N THR A 657 -14.96 13.17 -5.04
CA THR A 657 -13.82 12.89 -4.15
C THR A 657 -13.42 11.43 -4.07
N THR A 658 -13.80 10.72 -5.13
CA THR A 658 -13.44 9.30 -5.24
C THR A 658 -12.94 9.13 -6.66
N TYR A 659 -12.00 8.25 -6.89
CA TYR A 659 -11.45 8.04 -8.23
C TYR A 659 -12.56 7.87 -9.26
N GLU A 660 -13.59 7.14 -8.92
CA GLU A 660 -14.72 6.87 -9.83
C GLU A 660 -15.51 8.09 -10.25
N LYS A 661 -15.79 8.90 -9.23
CA LYS A 661 -16.51 10.14 -9.45
C LYS A 661 -15.65 11.09 -10.25
N TYR A 662 -14.38 11.17 -9.90
CA TYR A 662 -13.46 12.10 -10.56
C TYR A 662 -13.19 11.80 -12.01
N LEU A 663 -12.82 10.59 -12.30
CA LEU A 663 -12.48 10.12 -13.63
C LEU A 663 -13.68 9.94 -14.55
N GLY A 664 -14.81 9.54 -14.00
CA GLY A 664 -16.01 9.32 -14.80
C GLY A 664 -16.26 7.87 -15.14
N PRO A 665 -17.54 7.54 -15.19
CA PRO A 665 -18.04 6.20 -15.50
C PRO A 665 -17.41 5.56 -16.73
N GLN A 666 -17.48 6.36 -17.75
CA GLN A 666 -16.88 5.94 -19.05
C GLN A 666 -15.37 5.69 -18.96
N TYR A 667 -14.62 6.67 -18.45
CA TYR A 667 -13.16 6.46 -18.29
C TYR A 667 -12.88 5.14 -17.57
N VAL A 668 -13.49 4.97 -16.40
CA VAL A 668 -13.26 3.77 -15.56
C VAL A 668 -13.67 2.47 -16.21
N ALA A 669 -14.67 2.51 -17.07
CA ALA A 669 -15.09 1.26 -17.72
C ALA A 669 -13.99 0.86 -18.70
N GLY A 670 -13.49 1.87 -19.37
CA GLY A 670 -12.41 1.62 -20.36
C GLY A 670 -11.09 1.09 -19.88
N ILE A 671 -10.58 1.74 -18.82
CA ILE A 671 -9.29 1.27 -18.30
C ILE A 671 -9.48 -0.20 -17.87
N THR A 672 -10.63 -0.37 -17.22
CA THR A 672 -11.01 -1.64 -16.60
C THR A 672 -10.95 -2.73 -17.68
N ASN A 673 -11.41 -2.31 -18.86
CA ASN A 673 -11.31 -3.27 -19.98
C ASN A 673 -9.93 -3.59 -20.44
N LEU A 674 -9.06 -2.58 -20.47
CA LEU A 674 -7.63 -2.66 -20.88
C LEU A 674 -6.83 -3.52 -19.89
N LYS A 675 -7.13 -3.18 -18.63
CA LYS A 675 -6.54 -3.85 -17.46
C LYS A 675 -6.73 -5.36 -17.58
N LYS A 676 -7.81 -5.81 -18.18
CA LYS A 676 -8.05 -7.25 -18.34
C LYS A 676 -6.96 -7.86 -19.23
N CYS A 677 -6.23 -7.03 -20.02
CA CYS A 677 -5.17 -7.66 -20.81
C CYS A 677 -3.97 -7.88 -19.89
N SER A 678 -3.89 -7.05 -18.86
CA SER A 678 -2.78 -7.12 -17.89
C SER A 678 -2.92 -6.05 -16.78
N THR A 679 -2.74 -6.55 -15.56
CA THR A 679 -2.71 -5.77 -14.32
C THR A 679 -1.24 -5.69 -13.91
N SER A 680 -1.02 -4.80 -12.92
CA SER A 680 0.39 -4.65 -12.47
C SER A 680 0.48 -5.44 -11.16
N PRO A 681 1.71 -5.63 -10.75
CA PRO A 681 1.97 -6.29 -9.44
C PRO A 681 1.19 -5.53 -8.35
N LEU A 682 1.19 -4.19 -8.50
CA LEU A 682 0.52 -3.25 -7.61
C LEU A 682 -0.99 -3.40 -7.61
N LEU A 683 -1.59 -3.56 -8.77
CA LEU A 683 -3.08 -3.68 -8.69
C LEU A 683 -3.37 -5.04 -8.06
N GLU A 684 -2.50 -6.01 -8.32
CA GLU A 684 -2.73 -7.37 -7.71
C GLU A 684 -2.59 -7.24 -6.18
N ALA A 685 -1.56 -6.54 -5.72
CA ALA A 685 -1.32 -6.33 -4.27
C ALA A 685 -2.58 -5.70 -3.70
N CYS A 686 -3.04 -4.58 -4.20
CA CYS A 686 -4.27 -3.94 -3.71
C CYS A 686 -5.53 -4.77 -3.84
N GLU A 687 -5.69 -5.67 -4.80
CA GLU A 687 -6.99 -6.39 -4.74
C GLU A 687 -6.98 -7.24 -3.49
N PHE A 688 -5.80 -7.78 -3.28
CA PHE A 688 -5.50 -8.65 -2.12
C PHE A 688 -5.78 -7.84 -0.86
N LEU A 689 -5.25 -6.66 -0.66
CA LEU A 689 -5.44 -5.96 0.60
C LEU A 689 -6.85 -5.43 0.78
N ARG A 690 -7.69 -5.50 -0.22
CA ARG A 690 -9.02 -4.89 -0.13
C ARG A 690 -10.11 -5.86 0.25
N LYS A 691 -10.03 -7.07 -0.22
CA LYS A 691 -11.09 -8.05 0.16
C LYS A 691 -11.52 -7.66 1.57
C1 NAG B . -3.09 10.92 33.29
C2 NAG B . -2.95 10.14 34.56
C3 NAG B . -4.22 10.20 35.41
C4 NAG B . -4.48 11.69 35.68
C5 NAG B . -4.48 12.39 34.28
C6 NAG B . -4.64 13.72 34.73
C7 NAG B . -2.25 7.80 34.99
C8 NAG B . -1.57 6.66 34.28
N2 NAG B . -2.08 9.10 34.68
O3 NAG B . -4.38 9.61 36.70
O4 NAG B . -5.84 11.96 36.07
O5 NAG B . -3.16 12.31 33.78
O6 NAG B . -4.18 14.86 34.06
O7 NAG B . -2.98 7.66 35.87
C1 FUC B . -4.88 15.69 33.22
C2 FUC B . -4.16 15.72 31.94
C3 FUC B . -4.19 14.28 31.38
C4 FUC B . -5.63 13.83 31.21
C5 FUC B . -6.44 14.02 32.50
C6 FUC B . -7.94 13.84 32.25
O2 FUC B . -2.80 16.06 32.28
O3 FUC B . -3.47 14.24 30.15
O4 FUC B . -6.34 14.30 30.13
O5 FUC B . -6.27 15.29 33.01
C1 NAG C . -15.72 0.83 -29.79
C2 NAG C . -15.29 2.19 -30.39
C3 NAG C . -16.38 2.71 -31.32
C4 NAG C . -16.85 1.69 -32.38
C5 NAG C . -17.21 0.37 -31.69
C6 NAG C . -17.50 -0.75 -32.68
C7 NAG C . -16.34 3.19 -28.50
C8 NAG C . -17.63 2.44 -28.73
N2 NAG C . -15.17 3.10 -29.26
O3 NAG C . -15.80 3.86 -31.93
O4 NAG C . -17.99 2.09 -33.10
O5 NAG C . -16.17 -0.06 -30.84
O6 NAG C . -17.48 -0.94 -33.82
O7 NAG C . -16.30 3.94 -27.59
C1 NAG C . -19.36 1.54 -33.66
C2 NAG C . -20.71 2.16 -33.21
C3 NAG C . -21.91 2.15 -34.17
C4 NAG C . -21.58 2.65 -35.58
C5 NAG C . -20.41 1.71 -36.00
C6 NAG C . -19.99 2.17 -37.40
C7 NAG C . -21.54 -0.17 -32.78
C8 NAG C . -21.49 -0.98 -34.01
N2 NAG C . -21.22 1.07 -32.35
O3 NAG C . -23.01 2.84 -33.62
O4 NAG C . -22.65 2.53 -36.54
O5 NAG C . -19.35 1.69 -35.09
O6 NAG C . -20.65 1.41 -38.36
O7 NAG C . -21.93 -0.60 -31.78
C1 FUC C . -18.24 -2.13 -34.66
C2 FUC C . -17.89 -2.20 -36.12
C3 FUC C . -16.37 -2.23 -36.21
C4 FUC C . -15.84 -3.41 -35.40
C5 FUC C . -16.44 -3.39 -33.99
C6 FUC C . -16.12 -4.67 -33.22
O2 FUC C . -18.45 -1.12 -36.89
O3 FUC C . -15.91 -2.31 -37.57
O4 FUC C . -16.17 -4.66 -36.05
FE FE D . -2.72 -12.24 16.62
FE FE E . -2.03 13.28 -18.61
C CO3 F . -2.34 -11.49 18.92
O1 CO3 F . -2.92 -10.74 18.02
O2 CO3 F . -1.76 -12.57 18.49
O3 CO3 F . -2.39 -11.07 20.12
C CO3 G . -0.91 11.78 -20.14
O1 CO3 G . -2.13 12.12 -20.33
O2 CO3 G . -0.37 12.20 -19.03
O3 CO3 G . -0.27 11.00 -20.95
#